data_4B3N
#
_entry.id   4B3N
#
_cell.length_a   170.837
_cell.length_b   98.733
_cell.length_c   110.332
_cell.angle_alpha   90.00
_cell.angle_beta   122.99
_cell.angle_gamma   90.00
#
_symmetry.space_group_name_H-M   'C 1 2 1'
#
loop_
_entity.id
_entity.type
_entity.pdbx_description
1 polymer 'MALTOSE-BINDING PERIPLASMIC PROTEIN, TRIPARTITE MOTIF-CONTAINING PROTEIN 5'
2 branched alpha-D-glucopyranose-(1-4)-alpha-D-glucopyranose
3 non-polymer '2-(N-MORPHOLINO)-ETHANESULFONIC ACID'
4 water water
#
_entity_poly.entity_id   1
_entity_poly.type   'polypeptide(L)'
_entity_poly.pdbx_seq_one_letter_code
;MNTIHHHHHHNTSMKIEEGKLVIWINGDKGYNGLAEVGKKFEKDTGIKVTVEHPDKLEEKFPQVAATGDGPDIIFWAHDR
FGGYAQSGLLAEITPDKAFQDKLYPFTWDAVRYNGKLIAYPIAVEALSLIYNKDLLPNPPKTWEEIPALDKELKAKGKSA
LMFNLQEPYFTWPLIAADGGYAFKYENGKYDIKDVGVDNAGAKAGLTFLVDLIKNKHMNADTDYSIAEAAFNKGETAMTI
NGPWAWSNIDTSKVNYGVTVLPTFKGQPSKPFVGVLSAGIDAASPNKELAKEFLENYLLTDEGLEAVNKDKPLGAVALKS
YEEELAKDPRIAATMENAQKGEIMPNIPQMSAFWYAVRTAVINAASGRQTVDEALKDAQTRITRRVFRAPDLKGMLDMFR
ELTDARRYWVDVTLATNNISHAVIAEDKRQVSSRNPQIMYQAPGTLFTFPSLTNFNYCTGVLGSQSITSGKHYWEVDVSK
KSAWILGVCAGFQSDAMYNIEQNENYQPKYGYWVIGLQEGVKYSVFQDGSSHTPFAPFIVPLSVIICPDRVGVFVDYEAC
TVSFFNITNHGFLIYKFSQCSFSKPVFPYLNPRKCTVPMTLC
;
_entity_poly.pdbx_strand_id   A,B
#
loop_
_chem_comp.id
_chem_comp.type
_chem_comp.name
_chem_comp.formula
GLC D-saccharide, alpha linking alpha-D-glucopyranose 'C6 H12 O6'
MES non-polymer '2-(N-MORPHOLINO)-ETHANESULFONIC ACID' 'C6 H13 N O4 S'
#
# COMPACT_ATOMS: atom_id res chain seq x y z
N GLY A 19 25.42 3.26 9.08
CA GLY A 19 25.29 3.60 10.53
C GLY A 19 23.97 4.23 10.91
N LYS A 20 22.97 3.39 11.13
CA LYS A 20 21.66 3.82 11.64
C LYS A 20 20.90 2.62 12.19
N LEU A 21 19.89 2.85 13.01
CA LEU A 21 19.03 1.76 13.46
C LEU A 21 17.57 2.14 13.46
N VAL A 22 16.77 1.32 12.81
CA VAL A 22 15.32 1.45 12.84
C VAL A 22 14.76 0.23 13.52
N ILE A 23 13.97 0.47 14.57
CA ILE A 23 13.41 -0.58 15.36
C ILE A 23 11.91 -0.50 15.24
N TRP A 24 11.28 -1.65 15.20
CA TRP A 24 9.83 -1.74 15.15
C TRP A 24 9.38 -2.48 16.33
N ILE A 25 8.38 -1.94 17.00
CA ILE A 25 7.84 -2.59 18.18
C ILE A 25 6.40 -2.25 18.25
N ASN A 26 5.63 -3.12 18.89
CA ASN A 26 4.21 -2.90 19.03
C ASN A 26 3.83 -1.64 19.87
N GLY A 27 2.70 -1.02 19.54
CA GLY A 27 2.17 0.12 20.32
C GLY A 27 1.73 -0.19 21.75
N ASP A 28 1.15 -1.37 21.98
CA ASP A 28 0.93 -1.95 23.34
C ASP A 28 2.18 -1.78 24.20
N LYS A 29 3.29 -2.26 23.63
CA LYS A 29 4.55 -2.34 24.33
C LYS A 29 5.11 -0.96 24.61
N GLY A 30 6.10 -0.90 25.50
CA GLY A 30 6.68 0.37 25.91
C GLY A 30 7.74 0.88 24.96
N TYR A 31 7.30 1.36 23.80
CA TYR A 31 8.22 1.85 22.77
C TYR A 31 9.06 3.06 23.19
N ASN A 32 8.44 4.00 23.87
CA ASN A 32 9.13 5.21 24.30
C ASN A 32 10.26 4.90 25.27
N GLY A 33 10.00 3.96 26.17
CA GLY A 33 10.99 3.54 27.13
C GLY A 33 12.14 3.00 26.32
N LEU A 34 11.82 2.24 25.28
CA LEU A 34 12.82 1.65 24.39
C LEU A 34 13.61 2.75 23.70
N ALA A 35 12.92 3.81 23.29
CA ALA A 35 13.59 4.91 22.59
C ALA A 35 14.64 5.54 23.51
N GLU A 36 14.30 5.66 24.78
CA GLU A 36 15.23 6.22 25.76
C GLU A 36 16.50 5.40 25.74
N VAL A 37 16.36 4.08 25.63
CA VAL A 37 17.52 3.20 25.45
C VAL A 37 18.25 3.53 24.15
N GLY A 38 17.47 3.76 23.09
CA GLY A 38 18.02 4.13 21.79
C GLY A 38 18.85 5.38 21.91
N LYS A 39 18.28 6.36 22.63
CA LYS A 39 18.92 7.64 22.84
C LYS A 39 20.28 7.52 23.55
N LYS A 40 20.34 6.72 24.61
CA LYS A 40 21.61 6.47 25.28
C LYS A 40 22.60 5.76 24.38
N PHE A 41 22.12 4.84 23.55
CA PHE A 41 22.98 4.17 22.59
C PHE A 41 23.55 5.20 21.63
N GLU A 42 22.69 6.07 21.12
CA GLU A 42 23.15 7.13 20.22
C GLU A 42 24.16 8.07 20.91
N LYS A 43 23.91 8.42 22.17
CA LYS A 43 24.82 9.30 22.93
C LYS A 43 26.23 8.72 22.90
N ASP A 44 26.36 7.44 23.26
CA ASP A 44 27.67 6.77 23.31
C ASP A 44 28.38 6.60 21.99
N THR A 45 27.63 6.25 20.93
CA THR A 45 28.20 5.86 19.62
C THR A 45 27.87 6.83 18.48
N GLY A 46 27.03 7.81 18.79
CA GLY A 46 26.59 8.78 17.80
C GLY A 46 26.00 8.29 16.47
N ILE A 47 25.23 7.22 16.50
CA ILE A 47 24.47 6.79 15.35
C ILE A 47 23.02 6.75 15.81
N LYS A 48 22.09 7.26 15.00
CA LYS A 48 20.71 7.47 15.38
C LYS A 48 19.93 6.16 15.51
N VAL A 49 18.98 6.11 16.43
CA VAL A 49 18.14 4.95 16.59
C VAL A 49 16.73 5.47 16.50
N THR A 50 15.90 4.80 15.72
CA THR A 50 14.52 5.21 15.61
C THR A 50 13.64 4.05 16.00
N VAL A 51 12.69 4.31 16.89
CA VAL A 51 11.69 3.32 17.18
C VAL A 51 10.40 3.70 16.48
N GLU A 52 9.87 2.79 15.67
CA GLU A 52 8.58 2.98 14.97
C GLU A 52 7.61 1.92 15.49
N HIS A 53 6.36 2.29 15.73
CA HIS A 53 5.40 1.34 16.27
C HIS A 53 4.18 1.29 15.38
N PRO A 54 4.37 0.80 14.15
CA PRO A 54 3.32 0.81 13.15
C PRO A 54 2.28 -0.26 13.30
N ASP A 55 1.15 -0.02 12.68
CA ASP A 55 -0.02 -0.82 12.89
C ASP A 55 0.16 -2.11 12.15
N LYS A 56 -0.20 -3.20 12.81
CA LYS A 56 -0.05 -4.54 12.28
C LYS A 56 1.34 -4.82 11.69
N LEU A 57 2.36 -4.43 12.44
CA LEU A 57 3.74 -4.64 12.04
C LEU A 57 4.12 -6.11 11.84
N GLU A 58 3.36 -7.01 12.45
CA GLU A 58 3.62 -8.43 12.32
C GLU A 58 3.34 -8.90 10.91
N GLU A 59 2.32 -8.33 10.28
CA GLU A 59 1.93 -8.70 8.92
C GLU A 59 2.69 -7.88 7.90
N LYS A 60 2.98 -6.64 8.25
CA LYS A 60 3.72 -5.75 7.37
C LYS A 60 5.18 -6.12 7.20
N PHE A 61 5.79 -6.69 8.22
CA PHE A 61 7.23 -6.85 8.23
C PHE A 61 7.78 -7.67 7.09
N PRO A 62 7.12 -8.79 6.75
CA PRO A 62 7.65 -9.60 5.66
C PRO A 62 7.61 -8.83 4.33
N GLN A 63 6.56 -8.03 4.15
CA GLN A 63 6.39 -7.28 2.92
C GLN A 63 7.51 -6.30 2.71
N VAL A 64 7.71 -5.43 3.68
CA VAL A 64 8.70 -4.41 3.55
C VAL A 64 10.10 -4.95 3.58
N ALA A 65 10.33 -5.95 4.41
CA ALA A 65 11.69 -6.42 4.62
C ALA A 65 12.21 -7.00 3.34
N ALA A 66 11.32 -7.74 2.67
CA ALA A 66 11.67 -8.42 1.46
C ALA A 66 12.11 -7.45 0.39
N THR A 67 11.44 -6.30 0.32
CA THR A 67 11.73 -5.29 -0.72
C THR A 67 13.05 -4.57 -0.50
N GLY A 68 13.64 -4.76 0.68
CA GLY A 68 14.98 -4.28 0.96
C GLY A 68 15.01 -3.18 1.99
N ASP A 69 13.84 -2.61 2.26
CA ASP A 69 13.68 -1.57 3.23
C ASP A 69 12.67 -2.04 4.28
N GLY A 70 13.17 -2.44 5.43
CA GLY A 70 12.32 -2.86 6.52
C GLY A 70 13.15 -2.52 7.72
N PRO A 71 12.61 -2.67 8.93
CA PRO A 71 13.37 -2.23 10.06
C PRO A 71 14.61 -3.10 10.23
N ASP A 72 15.64 -2.53 10.84
CA ASP A 72 16.86 -3.26 11.14
C ASP A 72 16.57 -4.32 12.17
N ILE A 73 15.70 -3.97 13.13
CA ILE A 73 15.34 -4.81 14.27
C ILE A 73 13.82 -4.82 14.47
N ILE A 74 13.26 -6.00 14.71
CA ILE A 74 11.83 -6.16 14.92
C ILE A 74 11.51 -6.86 16.24
N PHE A 75 10.50 -6.34 16.94
CA PHE A 75 10.08 -6.85 18.24
C PHE A 75 8.68 -7.44 18.19
N TRP A 76 8.60 -8.77 18.33
CA TRP A 76 7.34 -9.46 18.43
C TRP A 76 7.46 -10.75 19.20
N ALA A 77 6.31 -11.30 19.55
CA ALA A 77 6.28 -12.59 20.23
C ALA A 77 6.92 -13.66 19.33
N HIS A 78 7.53 -14.65 19.96
CA HIS A 78 8.39 -15.61 19.28
C HIS A 78 7.73 -16.47 18.23
N ASP A 79 6.44 -16.72 18.38
CA ASP A 79 5.77 -17.72 17.56
C ASP A 79 5.86 -17.43 16.06
N ARG A 80 5.72 -16.16 15.70
CA ARG A 80 5.81 -15.76 14.30
C ARG A 80 7.20 -16.03 13.71
N PHE A 81 8.22 -15.81 14.53
CA PHE A 81 9.60 -15.68 14.07
C PHE A 81 10.04 -16.89 13.28
N GLY A 82 9.42 -18.04 13.51
CA GLY A 82 9.73 -19.19 12.68
C GLY A 82 9.33 -18.91 11.25
N GLY A 83 8.16 -18.32 11.09
CA GLY A 83 7.68 -18.01 9.75
C GLY A 83 8.61 -17.06 9.05
N TYR A 84 9.05 -16.04 9.79
CA TYR A 84 10.00 -15.05 9.30
C TYR A 84 11.30 -15.74 8.89
N ALA A 85 11.77 -16.62 9.78
CA ALA A 85 13.06 -17.29 9.64
C ALA A 85 13.07 -18.20 8.46
N GLN A 86 11.98 -18.94 8.27
CA GLN A 86 11.85 -19.81 7.11
C GLN A 86 11.87 -18.97 5.83
N SER A 87 11.20 -17.82 5.88
CA SER A 87 11.12 -16.93 4.73
C SER A 87 12.46 -16.23 4.46
N GLY A 88 13.38 -16.35 5.41
CA GLY A 88 14.75 -15.92 5.22
C GLY A 88 14.90 -14.45 5.52
N LEU A 89 13.89 -13.90 6.19
CA LEU A 89 13.86 -12.50 6.58
C LEU A 89 14.72 -12.24 7.84
N LEU A 90 15.03 -13.27 8.60
CA LEU A 90 15.81 -13.07 9.80
C LEU A 90 17.25 -13.53 9.63
N ALA A 91 18.15 -12.74 10.18
CA ALA A 91 19.56 -13.08 10.26
C ALA A 91 19.82 -13.93 11.50
N GLU A 92 20.80 -14.83 11.39
CA GLU A 92 21.23 -15.63 12.53
C GLU A 92 21.99 -14.72 13.46
N ILE A 93 21.97 -15.03 14.76
CA ILE A 93 22.66 -14.25 15.80
C ILE A 93 23.84 -15.01 16.38
N THR A 94 24.96 -14.33 16.59
CA THR A 94 26.23 -14.98 16.95
C THR A 94 26.63 -14.91 18.43
N PRO A 95 25.73 -14.47 19.30
CA PRO A 95 26.05 -14.10 20.68
C PRO A 95 26.89 -15.13 21.44
N ASP A 96 27.85 -14.62 22.23
CA ASP A 96 28.82 -15.45 22.95
C ASP A 96 28.23 -16.23 24.12
N LYS A 97 28.80 -17.39 24.41
CA LYS A 97 28.35 -18.24 25.52
C LYS A 97 28.05 -17.45 26.80
N ALA A 98 28.95 -16.53 27.17
CA ALA A 98 28.80 -15.72 28.38
C ALA A 98 27.55 -14.84 28.34
N PHE A 99 27.26 -14.22 27.21
CA PHE A 99 26.01 -13.49 27.06
C PHE A 99 24.79 -14.38 27.24
N GLN A 100 24.82 -15.54 26.61
CA GLN A 100 23.70 -16.48 26.66
C GLN A 100 23.37 -16.82 28.10
N ASP A 101 24.41 -16.96 28.91
CA ASP A 101 24.21 -17.28 30.32
C ASP A 101 23.34 -16.28 31.02
N LYS A 102 23.37 -15.02 30.59
CA LYS A 102 22.63 -13.98 31.30
C LYS A 102 21.13 -14.16 31.18
N LEU A 103 20.67 -14.76 30.09
CA LEU A 103 19.24 -15.06 29.94
C LEU A 103 18.91 -16.55 30.08
N TYR A 104 17.75 -16.83 30.68
CA TYR A 104 17.27 -18.20 30.86
C TYR A 104 17.36 -19.01 29.56
N PRO A 105 17.78 -20.28 29.65
CA PRO A 105 17.92 -21.11 28.45
C PRO A 105 16.59 -21.49 27.79
N PHE A 106 15.48 -21.52 28.54
CA PHE A 106 14.18 -21.85 27.93
C PHE A 106 13.68 -20.72 26.99
N THR A 107 13.97 -19.48 27.37
CA THR A 107 13.68 -18.32 26.51
C THR A 107 14.49 -18.44 25.22
N TRP A 108 15.76 -18.82 25.33
CA TRP A 108 16.58 -19.08 24.15
C TRP A 108 15.99 -20.12 23.23
N ASP A 109 15.43 -21.17 23.82
CA ASP A 109 14.84 -22.24 23.02
C ASP A 109 13.66 -21.73 22.24
N ALA A 110 12.86 -20.86 22.84
CA ALA A 110 11.73 -20.25 22.15
C ALA A 110 12.14 -19.58 20.85
N VAL A 111 13.36 -19.06 20.81
CA VAL A 111 13.82 -18.29 19.68
C VAL A 111 14.84 -19.08 18.87
N ARG A 112 14.77 -20.40 18.97
CA ARG A 112 15.67 -21.26 18.24
C ARG A 112 14.87 -21.85 17.10
N TYR A 113 15.36 -21.73 15.87
CA TYR A 113 14.67 -22.37 14.76
C TYR A 113 15.63 -23.16 13.90
N ASN A 114 15.32 -24.44 13.72
CA ASN A 114 16.18 -25.30 12.95
C ASN A 114 17.62 -25.26 13.48
N GLY A 115 17.72 -25.24 14.81
CA GLY A 115 19.00 -25.26 15.49
C GLY A 115 19.76 -23.95 15.50
N LYS A 116 19.12 -22.91 15.00
CA LYS A 116 19.76 -21.63 14.93
C LYS A 116 18.95 -20.63 15.71
N LEU A 117 19.63 -19.81 16.47
CA LEU A 117 18.99 -18.70 17.14
C LEU A 117 18.63 -17.61 16.12
N ILE A 118 17.37 -17.18 16.14
CA ILE A 118 16.87 -16.23 15.14
C ILE A 118 16.47 -14.86 15.71
N ALA A 119 16.36 -14.84 17.01
CA ALA A 119 16.06 -13.60 17.73
C ALA A 119 16.62 -13.60 19.14
N TYR A 120 16.66 -12.41 19.72
CA TYR A 120 16.99 -12.28 21.13
C TYR A 120 15.69 -12.35 21.93
N PRO A 121 15.66 -13.22 22.95
CA PRO A 121 14.50 -13.20 23.82
C PRO A 121 14.63 -12.00 24.73
N ILE A 122 13.52 -11.33 24.99
CA ILE A 122 13.50 -10.14 25.87
C ILE A 122 12.71 -10.39 27.15
N ALA A 123 11.48 -10.87 26.98
CA ALA A 123 10.54 -10.97 28.08
C ALA A 123 9.51 -12.06 27.85
N VAL A 124 8.93 -12.49 28.96
CA VAL A 124 7.93 -13.54 28.96
C VAL A 124 6.60 -12.92 29.38
N GLU A 125 5.61 -13.05 28.50
CA GLU A 125 4.31 -12.45 28.68
C GLU A 125 3.18 -13.49 28.69
N ALA A 126 2.36 -13.43 29.73
CA ALA A 126 1.22 -14.31 29.88
C ALA A 126 -0.01 -13.53 30.33
N LEU A 127 -1.11 -13.85 29.68
CA LEU A 127 -2.38 -13.34 30.12
C LEU A 127 -2.63 -13.64 31.59
N SER A 128 -3.05 -12.61 32.32
CA SER A 128 -3.57 -12.74 33.68
C SER A 128 -5.04 -12.34 33.86
N LEU A 129 -5.71 -12.86 34.89
CA LEU A 129 -7.07 -12.41 35.21
C LEU A 129 -6.88 -11.14 36.01
N ILE A 130 -7.53 -10.07 35.59
CA ILE A 130 -7.42 -8.79 36.27
C ILE A 130 -8.80 -8.38 36.76
N TYR A 131 -8.89 -8.01 38.03
CA TYR A 131 -10.16 -7.69 38.65
C TYR A 131 -10.11 -6.40 39.47
N ASN A 132 -11.27 -5.74 39.48
CA ASN A 132 -11.50 -4.49 40.18
C ASN A 132 -11.85 -4.81 41.64
N LYS A 133 -10.87 -4.70 42.53
CA LYS A 133 -11.03 -5.17 43.91
C LYS A 133 -12.21 -4.52 44.61
N ASP A 134 -12.38 -3.23 44.39
CA ASP A 134 -13.46 -2.51 45.07
C ASP A 134 -14.82 -3.04 44.68
N LEU A 135 -15.04 -3.26 43.40
CA LEU A 135 -16.29 -3.85 42.92
C LEU A 135 -16.43 -5.32 43.32
N LEU A 136 -15.34 -6.10 43.21
CA LEU A 136 -15.36 -7.52 43.56
C LEU A 136 -14.32 -7.88 44.62
N PRO A 137 -14.76 -8.49 45.74
CA PRO A 137 -13.83 -8.81 46.80
C PRO A 137 -12.94 -10.00 46.46
N ASN A 138 -13.54 -11.03 45.89
CA ASN A 138 -12.84 -12.29 45.64
C ASN A 138 -12.99 -12.70 44.20
N PRO A 139 -11.86 -12.98 43.53
CA PRO A 139 -11.92 -13.38 42.15
C PRO A 139 -12.51 -14.78 42.01
N PRO A 140 -13.33 -15.02 40.97
CA PRO A 140 -13.81 -16.35 40.63
C PRO A 140 -12.73 -17.39 40.36
N LYS A 141 -12.85 -18.53 41.05
CA LYS A 141 -11.98 -19.68 40.85
C LYS A 141 -12.42 -20.47 39.62
N THR A 142 -13.67 -20.26 39.20
CA THR A 142 -14.23 -21.01 38.08
C THR A 142 -14.97 -20.12 37.08
N TRP A 143 -14.94 -20.54 35.82
CA TRP A 143 -15.69 -19.86 34.77
C TRP A 143 -17.19 -19.96 35.04
N GLU A 144 -17.59 -21.09 35.61
CA GLU A 144 -19.00 -21.46 35.76
C GLU A 144 -19.76 -20.54 36.74
N GLU A 145 -19.05 -19.95 37.70
CA GLU A 145 -19.69 -19.03 38.67
C GLU A 145 -19.97 -17.66 38.04
N ILE A 146 -19.12 -17.27 37.09
CA ILE A 146 -19.17 -15.94 36.45
C ILE A 146 -20.54 -15.58 35.84
N PRO A 147 -21.25 -16.56 35.23
CA PRO A 147 -22.57 -16.20 34.69
C PRO A 147 -23.53 -15.73 35.77
N ALA A 148 -23.56 -16.46 36.89
CA ALA A 148 -24.38 -16.08 38.05
C ALA A 148 -24.03 -14.68 38.57
N LEU A 149 -22.72 -14.44 38.76
CA LEU A 149 -22.16 -13.12 39.17
C LEU A 149 -22.58 -11.98 38.26
N ASP A 150 -22.51 -12.21 36.95
CA ASP A 150 -22.81 -11.14 36.02
C ASP A 150 -24.29 -10.80 36.07
N LYS A 151 -25.15 -11.80 36.25
CA LYS A 151 -26.57 -11.54 36.42
C LYS A 151 -26.82 -10.74 37.71
N GLU A 152 -26.09 -11.09 38.76
CA GLU A 152 -26.08 -10.31 40.00
C GLU A 152 -25.65 -8.88 39.72
N LEU A 153 -24.56 -8.74 38.98
CA LEU A 153 -23.96 -7.43 38.68
C LEU A 153 -24.80 -6.54 37.77
N LYS A 154 -25.45 -7.13 36.76
CA LYS A 154 -26.33 -6.38 35.82
C LYS A 154 -27.33 -5.52 36.57
N ALA A 155 -27.96 -6.11 37.59
CA ALA A 155 -28.92 -5.38 38.43
C ALA A 155 -28.29 -4.23 39.23
N LYS A 156 -27.08 -3.84 38.86
CA LYS A 156 -26.45 -2.60 39.35
C LYS A 156 -25.80 -1.79 38.20
N GLY A 157 -26.35 -1.94 36.99
CA GLY A 157 -25.88 -1.22 35.81
C GLY A 157 -24.46 -1.55 35.33
N LYS A 158 -23.90 -2.66 35.80
CA LYS A 158 -22.52 -3.03 35.53
C LYS A 158 -22.40 -4.47 35.03
N SER A 159 -21.22 -4.84 34.55
CA SER A 159 -20.98 -6.20 34.03
C SER A 159 -19.85 -6.90 34.80
N ALA A 160 -19.75 -8.21 34.58
CA ALA A 160 -18.77 -9.04 35.27
C ALA A 160 -17.40 -8.99 34.59
N LEU A 161 -17.38 -9.17 33.27
CA LEU A 161 -16.14 -9.48 32.53
C LEU A 161 -16.11 -8.95 31.10
N MET A 162 -15.04 -8.26 30.74
CA MET A 162 -14.86 -7.78 29.38
C MET A 162 -13.41 -7.89 28.94
N PHE A 163 -13.21 -8.46 27.75
CA PHE A 163 -11.89 -8.56 27.17
C PHE A 163 -12.01 -8.72 25.67
N ASN A 164 -10.91 -8.49 24.97
CA ASN A 164 -10.87 -8.56 23.50
C ASN A 164 -11.27 -9.95 23.00
N LEU A 165 -12.44 -10.04 22.38
CA LEU A 165 -12.90 -11.31 21.79
C LEU A 165 -12.44 -11.47 20.35
N GLN A 166 -11.97 -10.37 19.76
CA GLN A 166 -11.58 -10.32 18.36
C GLN A 166 -10.28 -11.09 18.11
N GLU A 167 -9.33 -10.99 19.04
CA GLU A 167 -8.07 -11.72 18.97
C GLU A 167 -8.12 -13.06 19.70
N PRO A 168 -7.84 -14.16 18.98
CA PRO A 168 -7.86 -15.47 19.61
C PRO A 168 -6.82 -15.69 20.72
N TYR A 169 -5.80 -14.84 20.82
CA TYR A 169 -4.85 -14.88 21.94
C TYR A 169 -5.62 -14.87 23.25
N PHE A 170 -6.64 -14.02 23.32
CA PHE A 170 -7.46 -13.83 24.52
C PHE A 170 -8.50 -14.90 24.79
N THR A 171 -9.01 -15.53 23.75
CA THR A 171 -10.02 -16.58 23.93
C THR A 171 -9.39 -18.00 23.99
N TRP A 172 -8.16 -18.17 23.50
CA TRP A 172 -7.53 -19.51 23.50
C TRP A 172 -7.43 -20.19 24.84
N PRO A 173 -7.14 -19.43 25.90
CA PRO A 173 -6.93 -20.09 27.20
C PRO A 173 -8.11 -20.93 27.71
N LEU A 174 -9.32 -20.43 27.47
CA LEU A 174 -10.54 -21.13 27.82
C LEU A 174 -10.75 -22.33 26.89
N ILE A 175 -10.45 -22.13 25.61
CA ILE A 175 -10.65 -23.17 24.61
C ILE A 175 -9.74 -24.37 24.87
N ALA A 176 -8.51 -24.10 25.30
CA ALA A 176 -7.54 -25.14 25.58
C ALA A 176 -7.80 -25.86 26.92
N ALA A 177 -8.58 -25.22 27.79
CA ALA A 177 -8.80 -25.67 29.17
C ALA A 177 -9.19 -27.14 29.24
N ASP A 178 -10.30 -27.49 28.59
CA ASP A 178 -10.80 -28.87 28.63
C ASP A 178 -10.11 -29.77 27.62
N GLY A 179 -9.16 -29.25 26.87
CA GLY A 179 -8.33 -30.11 26.02
C GLY A 179 -8.14 -29.68 24.59
N GLY A 180 -8.47 -28.43 24.27
CA GLY A 180 -8.15 -27.89 22.95
C GLY A 180 -6.65 -27.69 22.82
N TYR A 181 -6.12 -27.94 21.61
CA TYR A 181 -4.70 -27.68 21.34
C TYR A 181 -4.40 -27.37 19.87
N ALA A 182 -3.34 -26.60 19.63
CA ALA A 182 -2.92 -26.27 18.26
C ALA A 182 -2.22 -27.45 17.59
N PHE A 183 -0.97 -27.74 17.95
CA PHE A 183 -0.19 -28.78 17.25
C PHE A 183 0.37 -29.83 18.21
N LYS A 184 0.10 -31.11 17.98
CA LYS A 184 0.58 -32.13 18.89
C LYS A 184 2.10 -32.17 18.92
N TYR A 185 2.66 -32.04 20.10
CA TYR A 185 4.09 -32.18 20.26
C TYR A 185 4.32 -33.59 20.77
N GLU A 186 5.05 -34.40 20.00
CA GLU A 186 5.42 -35.76 20.44
C GLU A 186 6.76 -36.20 19.83
N ASN A 187 7.53 -36.95 20.60
CA ASN A 187 8.88 -37.39 20.22
C ASN A 187 9.85 -36.23 19.96
N GLY A 188 9.67 -35.13 20.68
CA GLY A 188 10.52 -33.96 20.54
C GLY A 188 10.13 -33.02 19.42
N LYS A 189 9.05 -33.31 18.70
CA LYS A 189 8.68 -32.48 17.56
C LYS A 189 7.18 -32.18 17.41
N TYR A 190 6.88 -30.97 16.94
CA TYR A 190 5.49 -30.55 16.67
C TYR A 190 5.03 -31.22 15.38
N ASP A 191 3.88 -31.89 15.46
CA ASP A 191 3.27 -32.56 14.32
C ASP A 191 2.30 -31.55 13.72
N ILE A 192 2.59 -31.01 12.54
CA ILE A 192 1.73 -29.94 11.98
C ILE A 192 0.40 -30.47 11.53
N LYS A 193 0.25 -31.79 11.50
CA LYS A 193 -0.93 -32.44 10.99
C LYS A 193 -1.87 -32.84 12.09
N ASP A 194 -1.31 -33.05 13.27
CA ASP A 194 -2.10 -33.44 14.43
C ASP A 194 -2.51 -32.17 15.21
N VAL A 195 -3.66 -31.62 14.82
CA VAL A 195 -4.13 -30.34 15.29
C VAL A 195 -5.40 -30.55 16.08
N GLY A 196 -5.51 -29.94 17.25
CA GLY A 196 -6.66 -30.19 18.13
C GLY A 196 -7.56 -28.98 18.34
N VAL A 197 -7.89 -28.29 17.27
CA VAL A 197 -8.81 -27.16 17.39
C VAL A 197 -10.25 -27.66 17.38
N ASP A 198 -10.43 -28.89 16.94
CA ASP A 198 -11.73 -29.43 16.59
C ASP A 198 -12.10 -30.58 17.51
N ASN A 199 -11.39 -30.72 18.63
CA ASN A 199 -11.65 -31.81 19.55
C ASN A 199 -12.72 -31.45 20.59
N ALA A 200 -13.09 -32.44 21.41
CA ALA A 200 -14.13 -32.26 22.40
C ALA A 200 -13.79 -31.11 23.32
N GLY A 201 -12.55 -31.12 23.82
CA GLY A 201 -12.10 -30.11 24.77
C GLY A 201 -12.28 -28.70 24.23
N ALA A 202 -11.80 -28.49 23.02
CA ALA A 202 -11.92 -27.21 22.35
C ALA A 202 -13.37 -26.78 22.11
N LYS A 203 -14.21 -27.73 21.66
CA LYS A 203 -15.65 -27.46 21.41
C LYS A 203 -16.36 -27.07 22.70
N ALA A 204 -16.01 -27.74 23.80
CA ALA A 204 -16.54 -27.43 25.13
C ALA A 204 -16.22 -26.02 25.58
N GLY A 205 -14.95 -25.64 25.45
CA GLY A 205 -14.50 -24.30 25.81
C GLY A 205 -15.19 -23.19 25.04
N LEU A 206 -15.22 -23.35 23.71
CA LEU A 206 -15.83 -22.33 22.83
C LEU A 206 -17.33 -22.26 23.02
N THR A 207 -17.93 -23.42 23.22
CA THR A 207 -19.37 -23.52 23.51
C THR A 207 -19.76 -22.68 24.73
N PHE A 208 -18.97 -22.75 25.80
CA PHE A 208 -19.24 -21.95 27.00
C PHE A 208 -19.25 -20.48 26.66
N LEU A 209 -18.26 -20.05 25.87
CA LEU A 209 -18.14 -18.64 25.54
C LEU A 209 -19.33 -18.14 24.73
N VAL A 210 -19.74 -18.91 23.73
CA VAL A 210 -20.88 -18.53 22.88
C VAL A 210 -22.15 -18.40 23.72
N ASP A 211 -22.28 -19.26 24.73
CA ASP A 211 -23.40 -19.21 25.64
C ASP A 211 -23.40 -17.91 26.43
N LEU A 212 -22.22 -17.45 26.85
CA LEU A 212 -22.07 -16.18 27.58
C LEU A 212 -22.55 -15.01 26.77
N ILE A 213 -22.30 -15.08 25.47
CA ILE A 213 -22.64 -13.99 24.56
C ILE A 213 -24.16 -13.96 24.30
N LYS A 214 -24.74 -15.13 24.07
CA LYS A 214 -26.16 -15.25 23.74
C LYS A 214 -27.02 -15.07 24.97
N ASN A 215 -26.47 -15.37 26.15
CA ASN A 215 -27.10 -14.95 27.44
C ASN A 215 -26.93 -13.46 27.78
N LYS A 216 -26.35 -12.70 26.84
CA LYS A 216 -26.15 -11.24 26.98
C LYS A 216 -25.17 -10.87 28.07
N HIS A 217 -24.51 -11.88 28.64
CA HIS A 217 -23.55 -11.66 29.70
C HIS A 217 -22.38 -10.88 29.14
N MET A 218 -21.85 -11.37 28.02
CA MET A 218 -20.85 -10.64 27.26
C MET A 218 -21.29 -10.40 25.80
N ASN A 219 -20.73 -9.36 25.20
CA ASN A 219 -21.11 -8.93 23.87
C ASN A 219 -20.05 -9.31 22.82
N ALA A 220 -20.50 -9.91 21.73
CA ALA A 220 -19.59 -10.40 20.68
C ALA A 220 -18.67 -9.34 20.06
N ASP A 221 -19.05 -8.07 20.12
CA ASP A 221 -18.18 -7.02 19.55
C ASP A 221 -17.05 -6.55 20.43
N THR A 222 -17.12 -6.77 21.75
CA THR A 222 -16.07 -6.31 22.67
C THR A 222 -14.69 -6.53 22.05
N ASP A 223 -13.92 -5.45 21.95
CA ASP A 223 -12.55 -5.50 21.44
C ASP A 223 -11.58 -5.04 22.53
N TYR A 224 -10.32 -4.84 22.18
CA TYR A 224 -9.32 -4.42 23.15
C TYR A 224 -9.67 -3.08 23.81
N SER A 225 -10.05 -2.11 23.00
CA SER A 225 -10.34 -0.77 23.49
C SER A 225 -11.55 -0.75 24.40
N ILE A 226 -12.61 -1.46 24.00
CA ILE A 226 -13.84 -1.52 24.79
C ILE A 226 -13.62 -2.09 26.17
N ALA A 227 -12.95 -3.24 26.22
CA ALA A 227 -12.68 -3.94 27.49
C ALA A 227 -11.87 -3.06 28.40
N GLU A 228 -10.80 -2.49 27.83
CA GLU A 228 -9.88 -1.65 28.57
C GLU A 228 -10.53 -0.37 29.11
N ALA A 229 -11.32 0.31 28.27
CA ALA A 229 -12.04 1.51 28.69
C ALA A 229 -13.02 1.20 29.81
N ALA A 230 -13.84 0.18 29.58
CA ALA A 230 -14.81 -0.28 30.59
C ALA A 230 -14.16 -0.60 31.92
N PHE A 231 -13.04 -1.33 31.90
CA PHE A 231 -12.40 -1.74 33.14
C PHE A 231 -11.74 -0.56 33.85
N ASN A 232 -11.05 0.28 33.09
CA ASN A 232 -10.37 1.43 33.63
C ASN A 232 -11.40 2.35 34.24
N LYS A 233 -12.56 2.46 33.59
CA LYS A 233 -13.61 3.34 34.07
C LYS A 233 -14.44 2.67 35.18
N GLY A 234 -14.03 1.46 35.58
CA GLY A 234 -14.65 0.73 36.69
C GLY A 234 -16.07 0.29 36.45
N GLU A 235 -16.41 0.07 35.17
CA GLU A 235 -17.76 -0.33 34.78
C GLU A 235 -17.88 -1.85 34.67
N THR A 236 -16.74 -2.54 34.70
CA THR A 236 -16.74 -3.99 34.67
C THR A 236 -15.80 -4.52 35.76
N ALA A 237 -16.17 -5.65 36.34
CA ALA A 237 -15.48 -6.17 37.50
C ALA A 237 -14.19 -6.84 37.13
N MET A 238 -14.10 -7.40 35.93
CA MET A 238 -12.91 -8.15 35.51
C MET A 238 -12.52 -7.91 34.04
N THR A 239 -11.24 -8.13 33.75
CA THR A 239 -10.74 -8.20 32.36
C THR A 239 -9.64 -9.23 32.29
N ILE A 240 -9.24 -9.58 31.07
CA ILE A 240 -8.13 -10.53 30.85
C ILE A 240 -7.05 -9.90 29.96
N ASN A 241 -5.82 -9.88 30.46
CA ASN A 241 -4.76 -9.14 29.83
C ASN A 241 -3.37 -9.48 30.29
N GLY A 242 -2.41 -8.99 29.51
CA GLY A 242 -1.01 -9.16 29.84
C GLY A 242 -0.42 -7.97 30.58
N PRO A 243 0.86 -8.09 30.93
CA PRO A 243 1.57 -7.09 31.73
C PRO A 243 1.53 -5.63 31.19
N TRP A 244 1.69 -5.44 29.89
CA TRP A 244 1.66 -4.10 29.27
C TRP A 244 0.48 -3.23 29.72
N ALA A 245 -0.61 -3.89 30.09
CA ALA A 245 -1.84 -3.18 30.43
C ALA A 245 -1.85 -2.56 31.82
N TRP A 246 -0.93 -2.97 32.69
CA TRP A 246 -0.96 -2.51 34.06
C TRP A 246 -0.80 -0.99 34.15
N SER A 247 -0.03 -0.41 33.23
CA SER A 247 0.20 1.05 33.19
C SER A 247 -1.08 1.89 33.13
N ASN A 248 -1.96 1.55 32.20
CA ASN A 248 -3.22 2.28 32.04
C ASN A 248 -4.12 2.16 33.26
N ILE A 249 -4.08 1.00 33.90
CA ILE A 249 -4.88 0.80 35.09
C ILE A 249 -4.30 1.64 36.23
N ASP A 250 -2.98 1.81 36.26
CA ASP A 250 -2.34 2.71 37.23
C ASP A 250 -2.79 4.15 36.99
N THR A 251 -2.84 4.54 35.72
CA THR A 251 -3.40 5.84 35.31
C THR A 251 -4.83 6.06 35.83
N SER A 252 -5.65 5.00 35.81
CA SER A 252 -7.06 5.13 36.20
C SER A 252 -7.28 5.14 37.71
N LYS A 253 -6.23 4.83 38.47
CA LYS A 253 -6.26 4.82 39.94
C LYS A 253 -7.19 3.72 40.50
N VAL A 254 -7.49 2.69 39.70
CA VAL A 254 -8.37 1.59 40.12
C VAL A 254 -7.66 0.67 41.11
N ASN A 255 -8.40 0.22 42.13
CA ASN A 255 -7.93 -0.87 42.97
C ASN A 255 -8.06 -2.16 42.23
N TYR A 256 -6.93 -2.68 41.77
CA TYR A 256 -6.95 -3.92 41.00
C TYR A 256 -5.96 -4.95 41.52
N GLY A 257 -6.34 -6.20 41.33
CA GLY A 257 -5.44 -7.31 41.55
C GLY A 257 -5.20 -8.00 40.21
N VAL A 258 -4.14 -8.78 40.18
CA VAL A 258 -3.83 -9.63 39.06
C VAL A 258 -3.78 -11.03 39.63
N THR A 259 -4.64 -11.92 39.16
CA THR A 259 -4.77 -13.26 39.76
C THR A 259 -4.78 -14.38 38.70
N VAL A 260 -4.97 -15.62 39.14
CA VAL A 260 -4.98 -16.76 38.23
C VAL A 260 -6.30 -16.82 37.47
N LEU A 261 -6.20 -17.24 36.20
CA LEU A 261 -7.38 -17.42 35.36
C LEU A 261 -8.30 -18.52 35.92
N PRO A 262 -9.62 -18.34 35.83
CA PRO A 262 -10.58 -19.31 36.37
C PRO A 262 -10.50 -20.68 35.71
N THR A 263 -11.05 -21.69 36.37
CA THR A 263 -11.05 -23.02 35.81
C THR A 263 -12.26 -23.23 34.95
N PHE A 264 -12.12 -24.12 33.98
CA PHE A 264 -13.24 -24.56 33.17
C PHE A 264 -13.26 -26.07 33.21
N LYS A 265 -14.45 -26.60 33.51
CA LYS A 265 -14.63 -28.03 33.76
C LYS A 265 -13.56 -28.53 34.71
N GLY A 266 -13.37 -27.76 35.80
CA GLY A 266 -12.50 -28.12 36.90
C GLY A 266 -11.02 -28.06 36.56
N GLN A 267 -10.69 -27.48 35.43
CA GLN A 267 -9.33 -27.51 34.91
C GLN A 267 -8.76 -26.12 34.67
N PRO A 268 -7.42 -26.00 34.66
CA PRO A 268 -6.81 -24.71 34.47
C PRO A 268 -6.99 -24.18 33.06
N SER A 269 -7.35 -22.91 32.96
CA SER A 269 -7.23 -22.18 31.70
C SER A 269 -5.75 -22.17 31.29
N LYS A 270 -5.51 -22.61 30.06
CA LYS A 270 -4.18 -22.77 29.54
C LYS A 270 -3.93 -21.70 28.49
N PRO A 271 -3.21 -20.64 28.85
CA PRO A 271 -2.97 -19.52 27.94
C PRO A 271 -1.60 -19.64 27.28
N PHE A 272 -1.55 -19.44 25.97
CA PHE A 272 -0.29 -19.52 25.27
C PHE A 272 0.64 -18.46 25.82
N VAL A 273 1.91 -18.81 25.98
CA VAL A 273 2.87 -17.90 26.59
C VAL A 273 3.85 -17.38 25.54
N GLY A 274 4.02 -16.07 25.51
CA GLY A 274 4.87 -15.44 24.54
C GLY A 274 6.19 -14.97 25.14
N VAL A 275 7.26 -15.18 24.39
CA VAL A 275 8.50 -14.50 24.60
C VAL A 275 8.64 -13.37 23.57
N LEU A 276 8.50 -12.14 24.06
CA LEU A 276 8.77 -10.95 23.25
C LEU A 276 10.24 -11.00 22.84
N SER A 277 10.48 -10.94 21.53
CA SER A 277 11.82 -11.16 21.02
C SER A 277 12.22 -10.11 19.99
N ALA A 278 13.54 -9.90 19.88
CA ALA A 278 14.08 -8.94 18.94
C ALA A 278 14.82 -9.67 17.83
N GLY A 279 14.29 -9.58 16.61
CA GLY A 279 14.91 -10.21 15.46
C GLY A 279 15.59 -9.17 14.58
N ILE A 280 16.65 -9.60 13.90
CA ILE A 280 17.40 -8.69 13.05
C ILE A 280 17.12 -9.02 11.61
N ASP A 281 16.63 -8.00 10.89
CA ASP A 281 16.30 -8.15 9.48
C ASP A 281 17.52 -8.67 8.73
N ALA A 282 17.32 -9.75 7.99
CA ALA A 282 18.36 -10.36 7.20
C ALA A 282 18.93 -9.37 6.21
N ALA A 283 18.12 -8.45 5.72
CA ALA A 283 18.61 -7.49 4.72
C ALA A 283 19.31 -6.27 5.35
N SER A 284 19.37 -6.22 6.68
CA SER A 284 19.87 -5.00 7.35
C SER A 284 21.32 -4.83 7.03
N PRO A 285 21.71 -3.63 6.66
CA PRO A 285 23.12 -3.32 6.53
C PRO A 285 23.84 -3.19 7.86
N ASN A 286 23.05 -3.07 8.94
CA ASN A 286 23.54 -2.64 10.24
C ASN A 286 23.42 -3.75 11.27
N LYS A 287 23.60 -4.99 10.83
CA LYS A 287 23.45 -6.11 11.75
C LYS A 287 24.41 -5.96 12.92
N GLU A 288 25.55 -5.38 12.62
CA GLU A 288 26.67 -5.32 13.53
C GLU A 288 26.31 -4.36 14.69
N LEU A 289 25.85 -3.18 14.32
CA LEU A 289 25.26 -2.23 15.28
C LEU A 289 24.10 -2.81 16.06
N ALA A 290 23.28 -3.61 15.39
CA ALA A 290 22.08 -4.14 16.00
C ALA A 290 22.44 -5.04 17.19
N LYS A 291 23.35 -5.98 16.94
CA LYS A 291 23.89 -6.85 17.99
C LYS A 291 24.27 -6.09 19.26
N GLU A 292 25.17 -5.13 19.14
CA GLU A 292 25.60 -4.30 20.29
C GLU A 292 24.48 -3.58 21.06
N PHE A 293 23.56 -3.03 20.27
CA PHE A 293 22.42 -2.29 20.81
C PHE A 293 21.68 -3.29 21.67
N LEU A 294 21.27 -4.39 21.06
CA LEU A 294 20.51 -5.40 21.78
C LEU A 294 21.31 -5.98 22.93
N GLU A 295 22.53 -6.42 22.65
CA GLU A 295 23.30 -7.18 23.64
C GLU A 295 23.86 -6.31 24.71
N ASN A 296 24.45 -5.21 24.31
CA ASN A 296 25.14 -4.40 25.29
C ASN A 296 24.31 -3.27 25.86
N TYR A 297 23.20 -2.89 25.24
CA TYR A 297 22.41 -1.76 25.75
C TYR A 297 21.00 -2.13 26.23
N LEU A 298 20.22 -2.80 25.41
CA LEU A 298 18.86 -3.06 25.83
C LEU A 298 18.83 -4.13 26.90
N LEU A 299 19.50 -5.26 26.62
CA LEU A 299 19.47 -6.46 27.47
C LEU A 299 20.43 -6.29 28.63
N THR A 300 20.10 -5.32 29.48
CA THR A 300 20.86 -4.99 30.66
C THR A 300 19.86 -4.51 31.69
N ASP A 301 20.29 -4.41 32.93
CA ASP A 301 19.39 -3.98 34.00
C ASP A 301 18.82 -2.60 33.62
N GLU A 302 19.73 -1.70 33.23
CA GLU A 302 19.39 -0.32 32.89
C GLU A 302 18.31 -0.30 31.83
N GLY A 303 18.53 -1.09 30.79
CA GLY A 303 17.77 -1.02 29.55
C GLY A 303 16.34 -1.47 29.70
N LEU A 304 16.18 -2.65 30.26
CA LEU A 304 14.87 -3.22 30.52
C LEU A 304 14.09 -2.32 31.52
N GLU A 305 14.76 -1.80 32.53
CA GLU A 305 14.11 -0.91 33.47
C GLU A 305 13.49 0.22 32.70
N ALA A 306 14.26 0.82 31.81
CA ALA A 306 13.78 1.92 30.99
C ALA A 306 12.45 1.57 30.33
N VAL A 307 12.44 0.44 29.66
CA VAL A 307 11.27 -0.01 28.94
C VAL A 307 10.15 -0.41 29.89
N ASN A 308 10.50 -1.16 30.93
CA ASN A 308 9.52 -1.69 31.88
C ASN A 308 8.79 -0.58 32.65
N LYS A 309 9.50 0.50 32.92
CA LYS A 309 8.91 1.69 33.53
C LYS A 309 7.91 2.37 32.60
N ASP A 310 8.11 2.25 31.30
CA ASP A 310 7.16 2.77 30.32
C ASP A 310 5.92 1.88 30.31
N LYS A 311 6.07 0.62 29.92
CA LYS A 311 4.97 -0.35 29.97
C LYS A 311 5.57 -1.67 30.45
N PRO A 312 4.88 -2.38 31.36
CA PRO A 312 5.48 -3.59 31.90
C PRO A 312 5.75 -4.66 30.87
N LEU A 313 6.95 -5.22 30.92
CA LEU A 313 7.43 -6.28 30.01
C LEU A 313 6.93 -7.69 30.35
N GLY A 314 6.49 -7.86 31.59
CA GLY A 314 6.21 -9.17 32.14
C GLY A 314 7.41 -9.58 32.98
N ALA A 315 7.76 -10.85 32.88
CA ALA A 315 8.96 -11.36 33.49
C ALA A 315 10.03 -11.34 32.44
N VAL A 316 11.10 -10.57 32.67
CA VAL A 316 12.17 -10.47 31.69
C VAL A 316 13.04 -11.75 31.56
N ALA A 317 13.71 -11.89 30.42
CA ALA A 317 14.62 -13.01 30.17
C ALA A 317 15.93 -12.82 30.92
N LEU A 318 16.28 -11.56 31.16
CA LEU A 318 17.53 -11.20 31.81
C LEU A 318 17.47 -11.50 33.30
N LYS A 319 18.18 -12.54 33.73
CA LYS A 319 18.14 -12.98 35.12
C LYS A 319 18.41 -11.84 36.06
N SER A 320 19.44 -11.06 35.73
CA SER A 320 19.89 -9.95 36.56
C SER A 320 18.69 -9.13 37.00
N TYR A 321 17.99 -8.56 36.03
CA TYR A 321 16.90 -7.65 36.33
C TYR A 321 15.61 -8.38 36.77
N GLU A 322 15.34 -9.56 36.21
CA GLU A 322 14.12 -10.34 36.53
C GLU A 322 14.04 -10.64 38.02
N GLU A 323 15.21 -10.87 38.61
CA GLU A 323 15.27 -11.17 40.02
C GLU A 323 14.67 -10.04 40.82
N GLU A 324 14.96 -8.80 40.42
CA GLU A 324 14.35 -7.64 41.08
C GLU A 324 12.86 -7.54 40.76
N LEU A 325 12.45 -8.01 39.58
CA LEU A 325 11.05 -7.94 39.16
C LEU A 325 10.17 -8.96 39.87
N ALA A 326 10.71 -10.15 40.09
CA ALA A 326 9.93 -11.21 40.72
C ALA A 326 9.28 -10.73 42.04
N LYS A 327 9.83 -9.68 42.65
CA LYS A 327 9.27 -9.09 43.87
C LYS A 327 7.84 -8.57 43.72
N ASP A 328 7.53 -8.04 42.55
CA ASP A 328 6.16 -7.62 42.22
C ASP A 328 5.17 -8.81 42.22
N PRO A 329 4.16 -8.78 43.11
CA PRO A 329 3.13 -9.83 43.14
C PRO A 329 2.36 -10.03 41.85
N ARG A 330 2.22 -8.99 41.06
CA ARG A 330 1.55 -9.13 39.74
C ARG A 330 2.30 -10.06 38.79
N ILE A 331 3.63 -9.96 38.82
CA ILE A 331 4.48 -10.81 37.99
C ILE A 331 4.37 -12.27 38.42
N ALA A 332 4.26 -12.49 39.72
CA ALA A 332 4.03 -13.82 40.21
C ALA A 332 2.74 -14.38 39.64
N ALA A 333 1.69 -13.58 39.61
CA ALA A 333 0.41 -14.02 39.05
C ALA A 333 0.53 -14.34 37.54
N THR A 334 1.30 -13.50 36.83
CA THR A 334 1.62 -13.72 35.41
C THR A 334 2.24 -15.09 35.24
N MET A 335 3.26 -15.35 36.04
CA MET A 335 3.98 -16.62 36.02
C MET A 335 3.10 -17.81 36.35
N GLU A 336 2.22 -17.68 37.34
CA GLU A 336 1.34 -18.79 37.68
C GLU A 336 0.49 -19.19 36.46
N ASN A 337 -0.07 -18.20 35.77
CA ASN A 337 -0.85 -18.47 34.58
C ASN A 337 -0.02 -19.07 33.44
N ALA A 338 1.21 -18.62 33.32
CA ALA A 338 2.14 -19.17 32.34
C ALA A 338 2.44 -20.64 32.65
N GLN A 339 2.65 -20.96 33.93
CA GLN A 339 2.97 -22.33 34.35
C GLN A 339 1.82 -23.26 34.05
N LYS A 340 0.62 -22.70 34.00
CA LYS A 340 -0.58 -23.49 33.71
C LYS A 340 -0.79 -23.63 32.23
N GLY A 341 -0.13 -22.79 31.46
CA GLY A 341 -0.31 -22.80 30.02
C GLY A 341 0.81 -23.48 29.27
N GLU A 342 1.06 -22.98 28.08
CA GLU A 342 2.04 -23.52 27.16
C GLU A 342 2.67 -22.37 26.39
N ILE A 343 3.99 -22.31 26.43
CA ILE A 343 4.76 -21.36 25.62
C ILE A 343 4.51 -21.70 24.15
N MET A 344 4.28 -20.69 23.32
CA MET A 344 3.84 -20.95 21.96
C MET A 344 4.87 -21.74 21.17
N PRO A 345 4.40 -22.51 20.18
CA PRO A 345 5.35 -22.99 19.19
C PRO A 345 5.79 -21.79 18.34
N ASN A 346 6.98 -21.83 17.75
CA ASN A 346 7.40 -20.76 16.82
C ASN A 346 7.31 -21.12 15.34
N ILE A 347 6.76 -22.29 15.03
CA ILE A 347 6.78 -22.81 13.68
C ILE A 347 5.96 -21.92 12.74
N PRO A 348 6.22 -21.99 11.42
CA PRO A 348 5.51 -21.19 10.41
C PRO A 348 3.98 -21.33 10.41
N GLN A 349 3.49 -22.49 10.78
CA GLN A 349 2.07 -22.76 10.73
C GLN A 349 1.33 -21.98 11.79
N MET A 350 2.03 -21.36 12.72
CA MET A 350 1.36 -20.66 13.76
C MET A 350 0.43 -19.59 13.24
N SER A 351 0.80 -18.92 12.15
CA SER A 351 -0.04 -17.85 11.59
C SER A 351 -1.32 -18.39 10.93
N ALA A 352 -1.25 -19.58 10.34
CA ALA A 352 -2.45 -20.27 9.87
C ALA A 352 -3.36 -20.60 11.05
N PHE A 353 -2.79 -21.24 12.05
CA PHE A 353 -3.50 -21.57 13.27
C PHE A 353 -4.25 -20.36 13.76
N TRP A 354 -3.52 -19.27 13.96
CA TRP A 354 -4.09 -18.07 14.53
C TRP A 354 -5.18 -17.52 13.69
N TYR A 355 -4.94 -17.44 12.39
CA TYR A 355 -5.89 -16.84 11.48
C TYR A 355 -7.19 -17.64 11.46
N ALA A 356 -7.04 -18.97 11.48
CA ALA A 356 -8.18 -19.89 11.45
C ALA A 356 -9.03 -19.80 12.70
N VAL A 357 -8.34 -19.73 13.84
CA VAL A 357 -9.00 -19.61 15.13
C VAL A 357 -9.63 -18.22 15.26
N ARG A 358 -8.93 -17.19 14.79
CA ARG A 358 -9.48 -15.83 14.77
C ARG A 358 -10.84 -15.83 14.13
N THR A 359 -10.94 -16.54 13.00
CA THR A 359 -12.16 -16.57 12.21
C THR A 359 -13.24 -17.43 12.87
N ALA A 360 -12.85 -18.57 13.42
CA ALA A 360 -13.81 -19.47 14.08
C ALA A 360 -14.50 -18.81 15.27
N VAL A 361 -13.70 -18.10 16.07
CA VAL A 361 -14.18 -17.43 17.27
C VAL A 361 -15.24 -16.40 16.92
N ILE A 362 -14.96 -15.52 15.95
CA ILE A 362 -15.89 -14.44 15.64
C ILE A 362 -17.16 -14.95 14.96
N ASN A 363 -17.01 -15.98 14.13
CA ASN A 363 -18.14 -16.59 13.46
C ASN A 363 -19.12 -17.22 14.45
N ALA A 364 -18.59 -17.95 15.41
CA ALA A 364 -19.40 -18.57 16.45
C ALA A 364 -20.06 -17.54 17.41
N ALA A 365 -19.30 -16.50 17.77
CA ALA A 365 -19.77 -15.46 18.69
C ALA A 365 -20.75 -14.51 18.05
N SER A 366 -20.58 -14.26 16.76
CA SER A 366 -21.53 -13.44 16.01
C SER A 366 -22.71 -14.28 15.49
N GLY A 367 -22.74 -15.57 15.81
CA GLY A 367 -23.83 -16.44 15.38
C GLY A 367 -23.79 -16.92 13.93
N ARG A 368 -22.90 -16.35 13.11
CA ARG A 368 -22.84 -16.76 11.70
C ARG A 368 -22.37 -18.22 11.47
N GLN A 369 -22.03 -18.95 12.53
CA GLN A 369 -21.74 -20.39 12.45
C GLN A 369 -21.95 -21.10 13.77
N THR A 370 -22.20 -22.42 13.71
CA THR A 370 -22.20 -23.23 14.92
C THR A 370 -20.73 -23.46 15.35
N VAL A 371 -20.51 -23.62 16.65
CA VAL A 371 -19.17 -23.92 17.17
C VAL A 371 -18.59 -25.14 16.46
N ASP A 372 -19.38 -26.20 16.32
CA ASP A 372 -18.91 -27.45 15.70
C ASP A 372 -18.48 -27.22 14.24
N GLU A 373 -19.24 -26.40 13.52
CA GLU A 373 -18.83 -25.96 12.17
C GLU A 373 -17.51 -25.21 12.21
N ALA A 374 -17.49 -24.13 12.99
CA ALA A 374 -16.36 -23.20 13.03
C ALA A 374 -15.03 -23.92 13.16
N LEU A 375 -15.00 -24.91 14.04
CA LEU A 375 -13.78 -25.67 14.29
C LEU A 375 -13.47 -26.69 13.20
N LYS A 376 -14.50 -27.31 12.61
CA LYS A 376 -14.24 -28.19 11.45
C LYS A 376 -13.71 -27.36 10.29
N ASP A 377 -14.28 -26.16 10.10
CA ASP A 377 -13.75 -25.20 9.15
C ASP A 377 -12.32 -24.85 9.47
N ALA A 378 -12.09 -24.45 10.71
CA ALA A 378 -10.78 -23.97 11.13
C ALA A 378 -9.76 -25.09 11.01
N GLN A 379 -10.16 -26.30 11.35
CA GLN A 379 -9.22 -27.41 11.39
C GLN A 379 -8.79 -27.88 10.03
N THR A 380 -9.74 -28.03 9.11
CA THR A 380 -9.37 -28.44 7.76
C THR A 380 -8.51 -27.34 7.16
N ARG A 381 -8.86 -26.08 7.46
CA ARG A 381 -8.09 -24.93 6.98
C ARG A 381 -6.63 -25.05 7.41
N ILE A 382 -6.39 -25.27 8.69
CA ILE A 382 -5.04 -25.47 9.19
C ILE A 382 -4.42 -26.76 8.65
N THR A 383 -5.18 -27.85 8.67
CA THR A 383 -4.64 -29.19 8.46
C THR A 383 -4.36 -29.54 7.01
N ARG A 384 -5.23 -29.13 6.11
CA ARG A 384 -5.17 -29.59 4.74
C ARG A 384 -5.21 -28.42 3.77
N ARG A 385 -6.27 -27.63 3.85
CA ARG A 385 -6.46 -26.49 2.95
C ARG A 385 -5.69 -25.26 3.43
N VAL A 386 -4.39 -25.23 3.15
CA VAL A 386 -3.56 -24.11 3.58
C VAL A 386 -3.38 -23.15 2.40
N PHE A 387 -3.67 -21.87 2.64
CA PHE A 387 -3.54 -20.86 1.61
C PHE A 387 -2.08 -20.42 1.46
N ARG A 388 -1.19 -21.09 2.20
CA ARG A 388 0.23 -20.77 2.16
C ARG A 388 0.52 -19.71 1.12
N LEU A 396 -5.87 -16.31 -15.02
CA LEU A 396 -4.43 -16.01 -15.19
C LEU A 396 -4.01 -16.19 -16.64
N ASP A 397 -2.93 -16.92 -16.85
CA ASP A 397 -2.44 -17.25 -18.18
C ASP A 397 -2.23 -18.75 -18.32
N MET A 398 -3.19 -19.51 -17.80
CA MET A 398 -3.07 -20.97 -17.76
C MET A 398 -4.39 -21.70 -17.93
N PHE A 399 -4.32 -22.98 -18.35
CA PHE A 399 -5.49 -23.82 -18.60
C PHE A 399 -6.57 -23.61 -17.58
N ARG A 400 -7.80 -23.43 -18.02
CA ARG A 400 -8.86 -23.07 -17.11
C ARG A 400 -9.15 -24.22 -16.16
N GLU A 401 -9.18 -25.45 -16.66
CA GLU A 401 -9.41 -26.58 -15.76
C GLU A 401 -8.34 -26.60 -14.70
N LEU A 402 -7.11 -26.36 -15.12
CA LEU A 402 -5.98 -26.38 -14.23
C LEU A 402 -6.16 -25.36 -13.11
N THR A 403 -6.46 -24.12 -13.46
CA THR A 403 -6.67 -23.09 -12.44
C THR A 403 -7.83 -23.53 -11.53
N ASP A 404 -8.84 -24.17 -12.10
CA ASP A 404 -9.97 -24.70 -11.34
C ASP A 404 -9.51 -25.70 -10.29
N ALA A 405 -8.67 -26.63 -10.70
CA ALA A 405 -8.25 -27.68 -9.82
C ALA A 405 -7.45 -27.11 -8.66
N ARG A 406 -6.64 -26.08 -8.96
CA ARG A 406 -5.78 -25.43 -7.96
C ARG A 406 -6.58 -24.80 -6.83
N ARG A 407 -7.84 -24.47 -7.13
CA ARG A 407 -8.77 -23.96 -6.14
C ARG A 407 -8.89 -24.91 -4.95
N TYR A 408 -8.80 -26.21 -5.22
CA TYR A 408 -8.84 -27.24 -4.15
C TYR A 408 -7.50 -27.65 -3.53
N TRP A 409 -6.49 -26.82 -3.69
CA TRP A 409 -5.13 -27.17 -3.34
C TRP A 409 -4.88 -27.56 -1.89
N VAL A 410 -4.20 -28.68 -1.70
CA VAL A 410 -3.89 -29.22 -0.39
C VAL A 410 -2.40 -29.22 -0.08
N ASP A 411 -2.08 -28.96 1.18
CA ASP A 411 -0.72 -29.16 1.68
C ASP A 411 -0.44 -30.67 1.94
N VAL A 412 0.69 -31.16 1.45
CA VAL A 412 1.01 -32.56 1.57
C VAL A 412 2.40 -32.75 2.18
N THR A 413 2.47 -33.68 3.13
CA THR A 413 3.73 -34.11 3.67
C THR A 413 3.81 -35.61 3.51
N LEU A 414 5.01 -36.11 3.24
CA LEU A 414 5.19 -37.54 3.08
C LEU A 414 5.24 -38.20 4.45
N ALA A 415 4.73 -39.43 4.53
CA ALA A 415 4.78 -40.21 5.74
C ALA A 415 5.95 -41.17 5.63
N THR A 416 6.79 -41.19 6.67
CA THR A 416 7.90 -42.13 6.76
C THR A 416 7.32 -43.43 7.28
N ASN A 417 7.14 -44.37 6.37
CA ASN A 417 6.97 -45.72 6.79
C ASN A 417 7.89 -46.58 5.97
N ASN A 418 8.56 -47.47 6.69
CA ASN A 418 9.81 -48.02 6.24
C ASN A 418 9.76 -49.55 6.32
N ILE A 419 10.56 -50.22 5.47
CA ILE A 419 11.47 -49.52 4.59
C ILE A 419 11.00 -49.57 3.15
N SER A 420 11.08 -48.42 2.54
CA SER A 420 11.32 -48.28 1.13
C SER A 420 12.66 -47.52 1.14
N HIS A 421 13.52 -47.78 0.18
CA HIS A 421 14.90 -47.31 0.31
C HIS A 421 15.14 -45.85 -0.07
N ALA A 422 14.06 -45.10 -0.32
CA ALA A 422 14.18 -43.67 -0.65
C ALA A 422 14.31 -42.74 0.55
N VAL A 423 15.15 -41.71 0.42
CA VAL A 423 15.41 -40.72 1.47
C VAL A 423 14.34 -39.61 1.46
N ILE A 424 13.95 -39.13 2.64
CA ILE A 424 13.01 -38.01 2.74
C ILE A 424 13.60 -36.91 3.62
N ALA A 425 13.56 -35.67 3.15
CA ALA A 425 14.03 -34.52 3.95
C ALA A 425 13.23 -34.38 5.23
N GLU A 426 13.88 -34.02 6.32
CA GLU A 426 13.19 -33.96 7.61
C GLU A 426 11.96 -33.02 7.59
N ASP A 427 11.94 -32.08 6.64
CA ASP A 427 10.74 -31.24 6.39
C ASP A 427 9.53 -32.07 5.94
N LYS A 428 9.80 -33.31 5.50
CA LYS A 428 8.80 -34.30 5.08
C LYS A 428 8.13 -33.91 3.78
N ARG A 429 8.77 -33.00 3.03
CA ARG A 429 8.18 -32.43 1.83
C ARG A 429 8.90 -32.76 0.53
N GLN A 430 9.94 -33.57 0.58
CA GLN A 430 10.58 -34.05 -0.64
C GLN A 430 11.31 -35.38 -0.46
N VAL A 431 11.52 -36.08 -1.55
CA VAL A 431 12.11 -37.39 -1.52
C VAL A 431 13.02 -37.60 -2.72
N SER A 432 14.11 -38.34 -2.51
CA SER A 432 15.05 -38.69 -3.57
C SER A 432 15.57 -40.10 -3.30
N SER A 433 16.28 -40.69 -4.24
CA SER A 433 16.77 -42.02 -4.00
C SER A 433 18.15 -42.07 -3.32
N ARG A 434 18.66 -43.27 -3.03
CA ARG A 434 20.04 -43.49 -2.54
C ARG A 434 20.98 -44.08 -3.59
N ASN A 435 22.27 -43.76 -3.54
CA ASN A 435 23.26 -44.35 -4.47
C ASN A 435 23.50 -45.88 -4.44
N PRO A 436 23.48 -46.51 -3.24
CA PRO A 436 23.80 -47.93 -3.10
C PRO A 436 23.82 -48.71 -4.42
N TYR A 457 14.55 -53.65 -4.49
CA TYR A 457 14.76 -52.41 -5.22
C TYR A 457 13.50 -51.54 -5.10
N CYS A 458 13.01 -51.31 -3.87
CA CYS A 458 11.78 -50.51 -3.68
C CYS A 458 12.03 -49.17 -3.04
N THR A 459 11.82 -48.12 -3.82
CA THR A 459 11.78 -46.78 -3.29
C THR A 459 10.44 -46.21 -3.66
N GLY A 460 9.53 -46.10 -2.71
CA GLY A 460 8.18 -45.60 -2.99
C GLY A 460 7.56 -45.09 -1.72
N VAL A 461 6.85 -43.97 -1.80
CA VAL A 461 6.42 -43.25 -0.62
C VAL A 461 5.03 -42.67 -0.80
N LEU A 462 4.29 -42.57 0.31
CA LEU A 462 2.92 -42.07 0.32
C LEU A 462 2.76 -40.79 1.13
N GLY A 463 1.68 -40.07 0.86
CA GLY A 463 1.35 -38.86 1.59
C GLY A 463 0.83 -39.18 2.98
N SER A 464 1.32 -38.45 3.98
CA SER A 464 0.96 -38.68 5.37
C SER A 464 -0.56 -38.78 5.55
N GLN A 465 -1.26 -37.74 5.15
CA GLN A 465 -2.72 -37.73 5.24
C GLN A 465 -3.39 -38.56 4.14
N SER A 466 -4.58 -39.09 4.46
CA SER A 466 -5.37 -39.93 3.56
C SER A 466 -6.58 -39.21 2.96
N ILE A 467 -7.16 -39.82 1.92
CA ILE A 467 -8.30 -39.27 1.20
C ILE A 467 -9.45 -40.24 1.14
N THR A 468 -10.61 -39.74 1.55
CA THR A 468 -11.83 -40.51 1.53
C THR A 468 -12.95 -39.73 0.88
N SER A 469 -12.89 -38.41 0.96
CA SER A 469 -13.90 -37.54 0.35
C SER A 469 -13.26 -36.32 -0.27
N GLY A 470 -14.05 -35.64 -1.10
CA GLY A 470 -13.71 -34.33 -1.61
C GLY A 470 -12.65 -34.29 -2.70
N LYS A 471 -12.21 -33.06 -2.96
CA LYS A 471 -11.27 -32.75 -4.02
C LYS A 471 -9.97 -32.27 -3.45
N HIS A 472 -8.90 -32.90 -3.90
CA HIS A 472 -7.56 -32.58 -3.47
C HIS A 472 -6.65 -32.35 -4.65
N TYR A 473 -5.88 -31.26 -4.57
CA TYR A 473 -4.92 -30.90 -5.60
C TYR A 473 -3.56 -30.64 -4.96
N TRP A 474 -2.50 -31.10 -5.59
CA TRP A 474 -1.17 -30.73 -5.14
C TRP A 474 -0.26 -30.80 -6.33
N GLU A 475 0.93 -30.22 -6.20
CA GLU A 475 1.90 -30.15 -7.30
C GLU A 475 3.14 -30.81 -6.83
N VAL A 476 3.90 -31.35 -7.78
CA VAL A 476 5.16 -32.01 -7.48
C VAL A 476 6.22 -31.53 -8.44
N ASP A 477 7.34 -31.08 -7.90
CA ASP A 477 8.48 -30.65 -8.71
C ASP A 477 9.40 -31.83 -9.08
N VAL A 478 9.42 -32.17 -10.36
CA VAL A 478 10.25 -33.26 -10.86
C VAL A 478 11.49 -32.74 -11.57
N SER A 479 11.65 -31.42 -11.62
CA SER A 479 12.64 -30.83 -12.53
C SER A 479 14.00 -31.52 -12.38
N LYS A 480 14.67 -31.73 -13.51
CA LYS A 480 16.05 -32.18 -13.50
C LYS A 480 16.20 -33.67 -13.18
N LYS A 481 15.08 -34.40 -13.21
CA LYS A 481 15.07 -35.82 -12.86
C LYS A 481 14.99 -36.67 -14.08
N SER A 482 15.81 -37.72 -14.11
CA SER A 482 15.84 -38.76 -15.18
C SER A 482 14.56 -39.56 -15.24
N ALA A 483 13.98 -39.82 -14.07
CA ALA A 483 12.88 -40.76 -13.96
C ALA A 483 12.10 -40.51 -12.71
N TRP A 484 10.86 -40.99 -12.67
CA TRP A 484 9.98 -40.93 -11.47
C TRP A 484 8.66 -41.58 -11.76
N ILE A 485 7.87 -41.79 -10.72
CA ILE A 485 6.49 -42.21 -10.89
C ILE A 485 5.72 -41.23 -10.02
N LEU A 486 4.68 -40.65 -10.58
CA LEU A 486 3.85 -39.71 -9.85
C LEU A 486 2.41 -40.11 -10.08
N GLY A 487 1.59 -40.02 -9.03
CA GLY A 487 0.21 -40.42 -9.15
C GLY A 487 -0.46 -40.49 -7.80
N VAL A 488 -1.66 -41.07 -7.77
CA VAL A 488 -2.36 -41.34 -6.53
C VAL A 488 -2.30 -42.81 -6.17
N CYS A 489 -1.76 -43.11 -5.00
CA CYS A 489 -1.63 -44.49 -4.57
C CYS A 489 -2.56 -44.72 -3.38
N ALA A 490 -3.31 -45.80 -3.46
CA ALA A 490 -4.30 -46.11 -2.44
C ALA A 490 -3.72 -46.90 -1.27
N GLY A 491 -2.43 -47.20 -1.35
CA GLY A 491 -1.71 -47.91 -0.30
C GLY A 491 -0.69 -48.84 -0.91
N PHE A 492 0.26 -49.24 -0.08
CA PHE A 492 1.20 -50.30 -0.44
C PHE A 492 0.43 -51.59 -0.60
N GLN A 493 -0.56 -51.77 0.28
CA GLN A 493 -1.39 -52.96 0.27
C GLN A 493 -0.54 -54.21 0.45
N SER A 494 0.48 -54.11 1.31
CA SER A 494 1.37 -55.23 1.54
C SER A 494 0.62 -56.42 2.13
N ASP A 495 0.86 -57.59 1.56
CA ASP A 495 0.19 -58.81 1.98
C ASP A 495 -1.15 -58.91 1.24
N ALA A 496 -1.50 -57.84 0.54
CA ALA A 496 -2.68 -57.83 -0.32
C ALA A 496 -2.51 -58.82 -1.48
N MET A 497 -1.36 -58.63 -2.13
CA MET A 497 -0.52 -59.62 -2.84
C MET A 497 0.91 -59.05 -2.79
N TYR A 498 1.90 -59.91 -2.80
CA TYR A 498 3.31 -59.51 -2.60
C TYR A 498 4.05 -58.46 -3.51
N ASN A 499 3.94 -58.66 -4.82
CA ASN A 499 4.87 -58.12 -5.83
C ASN A 499 5.16 -56.64 -6.16
N ILE A 500 4.13 -55.80 -6.18
CA ILE A 500 4.13 -54.55 -7.00
C ILE A 500 5.26 -53.60 -6.61
N GLU A 501 5.67 -53.73 -5.37
CA GLU A 501 6.49 -52.73 -4.74
C GLU A 501 7.79 -52.56 -5.53
N GLN A 502 8.40 -53.69 -5.88
CA GLN A 502 9.71 -53.73 -6.53
C GLN A 502 9.67 -53.95 -8.04
N ASN A 503 8.85 -54.87 -8.53
CA ASN A 503 8.76 -55.10 -9.97
C ASN A 503 7.88 -54.11 -10.70
N GLU A 504 7.39 -53.10 -9.98
CA GLU A 504 6.99 -51.89 -10.62
C GLU A 504 5.84 -52.14 -11.57
N ASN A 505 4.89 -53.00 -11.19
CA ASN A 505 3.66 -53.08 -11.98
C ASN A 505 2.55 -52.31 -11.29
N TYR A 506 2.15 -51.20 -11.85
CA TYR A 506 1.19 -50.41 -11.16
C TYR A 506 -0.01 -50.45 -12.07
N GLN A 507 -1.12 -50.93 -11.53
CA GLN A 507 -2.32 -51.09 -12.34
C GLN A 507 -3.47 -50.61 -11.46
N PRO A 508 -4.33 -49.78 -12.00
CA PRO A 508 -5.49 -49.33 -11.23
C PRO A 508 -6.19 -50.45 -10.48
N LYS A 509 -6.37 -51.59 -11.15
CA LYS A 509 -6.94 -52.81 -10.56
C LYS A 509 -6.28 -53.19 -9.22
N TYR A 510 -4.97 -52.98 -9.11
CA TYR A 510 -4.24 -53.17 -7.87
C TYR A 510 -4.11 -51.83 -7.12
N GLY A 511 -4.95 -50.86 -7.45
CA GLY A 511 -5.05 -49.62 -6.70
C GLY A 511 -3.98 -48.57 -6.92
N TYR A 512 -3.19 -48.65 -8.01
CA TYR A 512 -2.20 -47.61 -8.38
C TYR A 512 -2.61 -46.84 -9.65
N TRP A 513 -2.99 -45.59 -9.46
CA TRP A 513 -3.20 -44.67 -10.58
C TRP A 513 -2.06 -43.68 -10.62
N VAL A 514 -1.15 -43.92 -11.55
CA VAL A 514 0.12 -43.23 -11.59
C VAL A 514 0.57 -43.02 -13.03
N ILE A 515 1.50 -42.09 -13.22
CA ILE A 515 2.17 -41.89 -14.51
C ILE A 515 3.67 -41.80 -14.19
N GLY A 516 4.53 -42.03 -15.19
CA GLY A 516 5.96 -42.15 -14.91
C GLY A 516 6.89 -41.50 -15.91
N LEU A 517 8.10 -41.20 -15.45
CA LEU A 517 9.17 -40.76 -16.33
C LEU A 517 10.28 -41.79 -16.34
N GLN A 518 10.81 -42.06 -17.52
CA GLN A 518 11.87 -43.02 -17.68
C GLN A 518 12.89 -42.47 -18.63
N GLU A 519 14.15 -42.52 -18.21
CA GLU A 519 15.23 -42.31 -19.14
C GLU A 519 15.22 -40.90 -19.67
N GLY A 520 14.77 -39.96 -18.84
CA GLY A 520 14.86 -38.55 -19.17
C GLY A 520 13.71 -37.97 -19.98
N VAL A 521 13.30 -38.66 -21.03
CA VAL A 521 12.28 -38.11 -21.93
C VAL A 521 11.15 -39.04 -22.36
N LYS A 522 11.03 -40.20 -21.72
CA LYS A 522 9.96 -41.12 -22.04
C LYS A 522 8.94 -41.17 -20.91
N TYR A 523 7.72 -40.80 -21.28
CA TYR A 523 6.62 -40.62 -20.34
C TYR A 523 5.60 -41.68 -20.60
N SER A 524 5.01 -42.19 -19.52
CA SER A 524 4.08 -43.32 -19.62
C SER A 524 3.00 -43.19 -18.58
N VAL A 525 1.80 -43.62 -18.95
CA VAL A 525 0.72 -43.89 -18.00
C VAL A 525 0.78 -45.38 -17.66
N PHE A 526 0.43 -45.73 -16.44
CA PHE A 526 0.49 -47.13 -15.98
C PHE A 526 -0.94 -47.60 -15.84
N GLN A 527 -1.54 -47.86 -17.00
CA GLN A 527 -2.90 -48.41 -17.11
C GLN A 527 -2.83 -49.89 -16.80
N ASP A 528 -3.93 -50.47 -16.36
CA ASP A 528 -3.92 -51.91 -16.02
C ASP A 528 -4.05 -52.90 -17.21
N GLY A 529 -3.36 -54.03 -17.05
CA GLY A 529 -3.20 -55.07 -18.05
C GLY A 529 -4.24 -56.14 -18.13
N SER A 530 -4.10 -56.99 -19.15
CA SER A 530 -4.99 -58.12 -19.38
C SER A 530 -4.88 -59.24 -18.36
N SER A 531 -5.89 -60.10 -18.32
CA SER A 531 -6.03 -61.09 -17.24
C SER A 531 -4.86 -62.05 -16.95
N HIS A 532 -4.38 -62.75 -17.98
CA HIS A 532 -3.28 -63.66 -17.86
C HIS A 532 -2.01 -62.96 -17.47
N THR A 533 -1.79 -61.80 -18.08
CA THR A 533 -0.64 -60.98 -17.76
C THR A 533 -0.90 -60.09 -16.56
N PRO A 534 -0.97 -60.69 -15.38
CA PRO A 534 -1.19 -59.94 -14.14
C PRO A 534 0.04 -59.16 -13.69
N PHE A 535 1.20 -59.80 -13.85
CA PHE A 535 2.45 -59.29 -13.32
C PHE A 535 2.87 -57.98 -13.97
N ALA A 536 2.69 -57.86 -15.28
CA ALA A 536 3.11 -56.64 -15.97
C ALA A 536 1.93 -55.72 -16.28
N PRO A 537 2.11 -54.41 -15.98
CA PRO A 537 1.08 -53.39 -16.18
C PRO A 537 1.01 -53.04 -17.63
N PHE A 538 -0.12 -52.54 -18.12
CA PHE A 538 -0.16 -52.04 -19.49
C PHE A 538 0.33 -50.61 -19.61
N ILE A 539 1.44 -50.44 -20.32
CA ILE A 539 2.14 -49.17 -20.35
C ILE A 539 1.78 -48.38 -21.58
N VAL A 540 1.19 -47.21 -21.41
CA VAL A 540 0.85 -46.40 -22.58
C VAL A 540 1.71 -45.16 -22.71
N PRO A 541 2.52 -45.12 -23.77
CA PRO A 541 3.12 -43.91 -24.24
C PRO A 541 2.21 -42.73 -24.03
N LEU A 542 2.72 -41.74 -23.34
CA LEU A 542 2.04 -40.50 -23.05
C LEU A 542 2.72 -39.49 -23.95
N SER A 543 1.97 -38.71 -24.71
CA SER A 543 2.64 -37.70 -25.50
C SER A 543 2.62 -36.38 -24.76
N VAL A 544 3.78 -36.01 -24.23
CA VAL A 544 3.99 -34.69 -23.67
C VAL A 544 4.88 -33.86 -24.61
N ILE A 545 4.38 -32.70 -24.98
CA ILE A 545 5.05 -31.80 -25.87
C ILE A 545 6.25 -31.19 -25.17
N ILE A 546 6.09 -30.89 -23.87
CA ILE A 546 7.18 -30.29 -23.06
C ILE A 546 7.44 -31.06 -21.77
N CYS A 547 8.71 -31.35 -21.53
CA CYS A 547 9.07 -31.99 -20.29
C CYS A 547 8.62 -31.08 -19.17
N PRO A 548 7.73 -31.57 -18.29
CA PRO A 548 7.18 -30.80 -17.21
C PRO A 548 8.17 -30.73 -16.08
N ASP A 549 8.54 -29.53 -15.66
CA ASP A 549 9.36 -29.38 -14.47
C ASP A 549 8.52 -29.66 -13.25
N ARG A 550 7.22 -29.38 -13.38
CA ARG A 550 6.29 -29.53 -12.28
C ARG A 550 4.98 -30.13 -12.76
N VAL A 551 4.43 -31.05 -11.99
CA VAL A 551 3.19 -31.75 -12.33
C VAL A 551 2.13 -31.59 -11.22
N GLY A 552 0.87 -31.39 -11.63
CA GLY A 552 -0.25 -31.21 -10.73
C GLY A 552 -1.16 -32.43 -10.73
N VAL A 553 -1.43 -32.96 -9.54
CA VAL A 553 -2.24 -34.16 -9.38
C VAL A 553 -3.57 -33.74 -8.74
N PHE A 554 -4.68 -34.08 -9.37
CA PHE A 554 -5.99 -33.71 -8.88
C PHE A 554 -6.87 -34.92 -8.68
N VAL A 555 -7.36 -35.08 -7.46
CA VAL A 555 -8.23 -36.18 -7.09
C VAL A 555 -9.60 -35.62 -6.78
N ASP A 556 -10.62 -36.04 -7.51
CA ASP A 556 -11.99 -35.83 -7.07
C ASP A 556 -12.49 -37.19 -6.70
N TYR A 557 -12.63 -37.38 -5.40
CA TYR A 557 -12.88 -38.69 -4.85
C TYR A 557 -14.25 -39.17 -5.23
N GLU A 558 -15.21 -38.27 -5.17
CA GLU A 558 -16.58 -38.60 -5.52
C GLU A 558 -16.62 -39.02 -7.00
N ALA A 559 -15.99 -38.21 -7.84
CA ALA A 559 -15.88 -38.48 -9.26
C ALA A 559 -15.21 -39.82 -9.60
N CYS A 560 -14.26 -40.25 -8.80
CA CYS A 560 -13.37 -41.35 -9.17
C CYS A 560 -12.48 -40.93 -10.35
N THR A 561 -12.17 -39.65 -10.40
CA THR A 561 -11.26 -39.11 -11.39
C THR A 561 -9.94 -38.74 -10.71
N VAL A 562 -8.85 -39.01 -11.41
CA VAL A 562 -7.51 -38.60 -11.02
C VAL A 562 -6.86 -37.96 -12.23
N SER A 563 -6.49 -36.69 -12.14
CA SER A 563 -6.03 -35.97 -13.33
C SER A 563 -4.61 -35.44 -13.18
N PHE A 564 -3.90 -35.34 -14.30
CA PHE A 564 -2.50 -34.91 -14.29
C PHE A 564 -2.30 -33.71 -15.20
N PHE A 565 -1.64 -32.67 -14.69
CA PHE A 565 -1.51 -31.42 -15.43
C PHE A 565 -0.06 -31.01 -15.63
N ASN A 566 0.23 -30.51 -16.80
CA ASN A 566 1.58 -30.11 -17.15
C ASN A 566 1.72 -28.63 -16.76
N ILE A 567 2.20 -28.39 -15.54
CA ILE A 567 2.32 -27.01 -15.05
C ILE A 567 3.24 -26.20 -15.94
N THR A 568 4.37 -26.79 -16.34
CA THR A 568 5.35 -26.11 -17.22
C THR A 568 4.71 -25.64 -18.51
N ASN A 569 3.81 -26.47 -19.03
CA ASN A 569 3.13 -26.21 -20.28
C ASN A 569 1.70 -25.80 -20.03
N HIS A 570 1.53 -24.60 -19.50
CA HIS A 570 0.20 -23.97 -19.35
C HIS A 570 -0.84 -24.75 -18.63
N GLY A 571 -0.42 -25.74 -17.85
CA GLY A 571 -1.36 -26.55 -17.10
C GLY A 571 -2.26 -27.43 -17.94
N PHE A 572 -1.87 -27.68 -19.19
CA PHE A 572 -2.66 -28.55 -20.05
C PHE A 572 -2.76 -29.92 -19.38
N LEU A 573 -3.86 -30.61 -19.66
CA LEU A 573 -4.06 -31.95 -19.13
C LEU A 573 -3.06 -32.92 -19.79
N ILE A 574 -2.45 -33.78 -18.99
CA ILE A 574 -1.54 -34.83 -19.48
C ILE A 574 -2.27 -36.15 -19.56
N TYR A 575 -3.05 -36.44 -18.52
CA TYR A 575 -3.83 -37.67 -18.48
C TYR A 575 -4.89 -37.62 -17.38
N LYS A 576 -5.98 -38.36 -17.60
CA LYS A 576 -7.01 -38.49 -16.57
C LYS A 576 -7.59 -39.92 -16.51
N PHE A 577 -7.40 -40.55 -15.36
CA PHE A 577 -8.04 -41.82 -15.04
C PHE A 577 -9.44 -41.52 -14.59
N SER A 578 -10.41 -42.13 -15.23
CA SER A 578 -11.80 -41.88 -14.93
C SER A 578 -12.52 -43.17 -14.61
N GLN A 579 -13.63 -43.05 -13.89
CA GLN A 579 -14.39 -44.19 -13.44
C GLN A 579 -13.51 -45.20 -12.70
N CYS A 580 -12.64 -44.71 -11.82
CA CYS A 580 -11.74 -45.61 -11.06
C CYS A 580 -12.23 -45.96 -9.67
N SER A 581 -12.20 -47.25 -9.33
CA SER A 581 -12.79 -47.75 -8.06
C SER A 581 -12.14 -47.18 -6.83
N PHE A 582 -12.86 -46.32 -6.11
CA PHE A 582 -12.38 -45.79 -4.85
C PHE A 582 -13.17 -46.43 -3.76
N SER A 583 -12.70 -47.58 -3.31
CA SER A 583 -13.36 -48.31 -2.26
C SER A 583 -12.65 -48.08 -0.95
N LYS A 584 -11.45 -47.53 -1.03
CA LYS A 584 -10.55 -47.44 0.11
C LYS A 584 -9.99 -46.04 0.23
N PRO A 585 -9.51 -45.67 1.42
CA PRO A 585 -8.92 -44.37 1.45
C PRO A 585 -7.71 -44.51 0.57
N VAL A 586 -7.34 -43.41 -0.04
CA VAL A 586 -6.34 -43.37 -1.07
C VAL A 586 -5.36 -42.23 -0.71
N PHE A 587 -4.07 -42.38 -1.00
CA PHE A 587 -3.08 -41.37 -0.60
C PHE A 587 -2.28 -40.95 -1.81
N PRO A 588 -1.66 -39.76 -1.75
CA PRO A 588 -0.75 -39.43 -2.83
C PRO A 588 0.43 -40.41 -2.91
N TYR A 589 0.84 -40.81 -4.13
CA TYR A 589 2.03 -41.64 -4.34
C TYR A 589 3.20 -40.86 -4.96
N LEU A 590 4.40 -41.10 -4.43
CA LEU A 590 5.63 -40.52 -4.96
C LEU A 590 6.77 -41.53 -4.98
N ASN A 591 7.33 -41.76 -6.17
CA ASN A 591 8.47 -42.64 -6.34
C ASN A 591 9.58 -41.95 -7.12
N PRO A 592 10.76 -41.78 -6.49
CA PRO A 592 11.95 -41.20 -7.12
C PRO A 592 12.44 -42.02 -8.27
N ARG A 593 12.10 -43.31 -8.29
CA ARG A 593 12.56 -44.22 -9.34
C ARG A 593 14.07 -44.32 -9.40
N LYS A 594 14.69 -44.37 -8.22
CA LYS A 594 16.13 -44.33 -8.10
C LYS A 594 16.80 -43.22 -8.93
N CYS A 595 16.14 -42.06 -9.00
CA CYS A 595 16.71 -40.92 -9.73
C CYS A 595 17.94 -40.32 -9.10
N THR A 596 17.93 -40.18 -7.77
CA THR A 596 19.00 -39.52 -7.04
C THR A 596 18.84 -37.99 -7.03
N VAL A 597 17.74 -37.51 -7.61
CA VAL A 597 17.42 -36.08 -7.62
C VAL A 597 16.07 -35.88 -6.98
N PRO A 598 15.94 -34.87 -6.10
CA PRO A 598 14.70 -34.77 -5.32
C PRO A 598 13.39 -34.46 -6.06
N MET A 599 12.32 -35.14 -5.66
CA MET A 599 10.97 -34.78 -6.03
C MET A 599 10.44 -33.99 -4.87
N THR A 600 10.23 -32.70 -5.10
CA THR A 600 9.70 -31.87 -4.05
C THR A 600 8.23 -31.59 -4.25
N LEU A 601 7.51 -31.51 -3.13
CA LEU A 601 6.06 -31.37 -3.18
C LEU A 601 5.72 -29.92 -3.27
N CYS A 602 4.98 -29.60 -4.31
CA CYS A 602 4.52 -28.23 -4.65
C CYS A 602 5.63 -27.38 -5.20
N GLY B 19 -15.34 5.20 14.50
CA GLY B 19 -14.28 5.77 15.39
C GLY B 19 -12.87 5.24 15.15
N LYS B 20 -12.16 5.83 14.19
CA LYS B 20 -10.73 5.54 13.92
C LYS B 20 -10.20 6.58 12.95
N LEU B 21 -8.88 6.70 12.86
CA LEU B 21 -8.26 7.65 11.92
C LEU B 21 -7.05 7.04 11.23
N VAL B 22 -7.05 7.10 9.90
CA VAL B 22 -5.92 6.71 9.07
C VAL B 22 -5.40 7.94 8.35
N ILE B 23 -4.12 8.21 8.55
CA ILE B 23 -3.50 9.40 8.04
C ILE B 23 -2.43 8.96 7.10
N TRP B 24 -2.29 9.69 6.02
CA TRP B 24 -1.26 9.44 5.06
C TRP B 24 -0.39 10.64 4.97
N ILE B 25 0.92 10.42 5.00
CA ILE B 25 1.86 11.51 4.92
C ILE B 25 3.07 10.97 4.22
N ASN B 26 3.80 11.86 3.58
CA ASN B 26 5.03 11.48 2.89
C ASN B 26 6.16 10.93 3.82
N GLY B 27 6.99 10.04 3.29
CA GLY B 27 8.16 9.51 4.00
C GLY B 27 9.25 10.51 4.31
N ASP B 28 9.52 11.46 3.41
CA ASP B 28 10.36 12.67 3.68
C ASP B 28 9.99 13.29 5.01
N LYS B 29 8.68 13.55 5.14
CA LYS B 29 8.13 14.29 6.26
C LYS B 29 8.23 13.49 7.55
N GLY B 30 8.03 14.19 8.68
CA GLY B 30 8.25 13.63 10.01
C GLY B 30 7.06 12.89 10.59
N TYR B 31 6.77 11.73 10.01
CA TYR B 31 5.58 10.94 10.33
C TYR B 31 5.60 10.32 11.73
N ASN B 32 6.78 9.95 12.19
CA ASN B 32 6.87 9.38 13.52
C ASN B 32 6.42 10.36 14.60
N GLY B 33 6.82 11.61 14.46
CA GLY B 33 6.35 12.65 15.38
C GLY B 33 4.84 12.78 15.31
N LEU B 34 4.32 12.74 14.09
CA LEU B 34 2.88 12.84 13.87
C LEU B 34 2.19 11.66 14.53
N ALA B 35 2.79 10.48 14.44
CA ALA B 35 2.22 9.30 15.06
C ALA B 35 2.07 9.51 16.54
N GLU B 36 3.02 10.23 17.12
CA GLU B 36 2.98 10.50 18.55
C GLU B 36 1.84 11.45 18.84
N VAL B 37 1.66 12.46 18.01
CA VAL B 37 0.48 13.32 18.14
C VAL B 37 -0.78 12.45 18.10
N GLY B 38 -0.78 11.50 17.18
CA GLY B 38 -1.89 10.56 17.05
C GLY B 38 -2.11 9.84 18.36
N LYS B 39 -1.01 9.39 18.94
CA LYS B 39 -1.07 8.64 20.17
C LYS B 39 -1.66 9.43 21.35
N LYS B 40 -1.27 10.69 21.50
CA LYS B 40 -1.87 11.59 22.51
C LYS B 40 -3.37 11.83 22.24
N PHE B 41 -3.73 11.93 20.97
CA PHE B 41 -5.14 12.04 20.62
C PHE B 41 -5.90 10.80 21.06
N GLU B 42 -5.35 9.63 20.76
CA GLU B 42 -5.97 8.38 21.18
C GLU B 42 -6.06 8.28 22.70
N LYS B 43 -5.02 8.70 23.42
CA LYS B 43 -5.01 8.68 24.90
C LYS B 43 -6.25 9.40 25.44
N ASP B 44 -6.47 10.63 24.96
CA ASP B 44 -7.60 11.43 25.41
C ASP B 44 -8.95 10.91 24.95
N THR B 45 -9.04 10.43 23.71
CA THR B 45 -10.35 10.05 23.13
C THR B 45 -10.55 8.59 22.95
N GLY B 46 -9.49 7.81 23.11
CA GLY B 46 -9.59 6.37 22.92
C GLY B 46 -10.03 5.93 21.55
N ILE B 47 -9.64 6.69 20.52
CA ILE B 47 -9.84 6.21 19.15
C ILE B 47 -8.45 6.15 18.51
N LYS B 48 -8.18 5.04 17.83
CA LYS B 48 -6.86 4.70 17.29
C LYS B 48 -6.54 5.61 16.11
N VAL B 49 -5.29 6.01 15.99
CA VAL B 49 -4.85 6.83 14.87
C VAL B 49 -3.72 6.08 14.24
N THR B 50 -3.74 5.96 12.92
CA THR B 50 -2.67 5.30 12.22
C THR B 50 -2.09 6.23 11.21
N VAL B 51 -0.77 6.37 11.22
CA VAL B 51 -0.10 7.11 10.17
C VAL B 51 0.56 6.14 9.23
N GLU B 52 0.25 6.25 7.94
CA GLU B 52 0.88 5.43 6.91
C GLU B 52 1.61 6.35 5.96
N HIS B 53 2.79 5.97 5.51
CA HIS B 53 3.55 6.83 4.62
C HIS B 53 3.93 6.08 3.35
N PRO B 54 2.90 5.70 2.56
CA PRO B 54 3.08 4.84 1.40
C PRO B 54 3.70 5.52 0.22
N ASP B 55 4.22 4.70 -0.66
CA ASP B 55 5.02 5.19 -1.73
C ASP B 55 4.14 5.82 -2.79
N LYS B 56 4.55 6.98 -3.29
CA LYS B 56 3.78 7.75 -4.24
C LYS B 56 2.30 7.94 -3.87
N LEU B 57 2.09 8.28 -2.59
CA LEU B 57 0.75 8.50 -2.08
C LEU B 57 -0.03 9.61 -2.81
N GLU B 58 0.68 10.52 -3.47
CA GLU B 58 0.04 11.62 -4.17
C GLU B 58 -0.74 11.11 -5.35
N GLU B 59 -0.20 10.09 -6.00
CA GLU B 59 -0.84 9.51 -7.18
C GLU B 59 -1.82 8.44 -6.78
N LYS B 60 -1.50 7.73 -5.71
CA LYS B 60 -2.35 6.65 -5.23
C LYS B 60 -3.66 7.15 -4.62
N PHE B 61 -3.64 8.32 -4.01
CA PHE B 61 -4.76 8.74 -3.18
C PHE B 61 -6.08 8.82 -3.93
N PRO B 62 -6.07 9.35 -5.17
CA PRO B 62 -7.34 9.46 -5.88
C PRO B 62 -7.91 8.11 -6.20
N GLN B 63 -7.04 7.15 -6.50
CA GLN B 63 -7.47 5.79 -6.81
C GLN B 63 -8.18 5.13 -5.66
N VAL B 64 -7.50 5.06 -4.52
CA VAL B 64 -8.06 4.38 -3.38
C VAL B 64 -9.23 5.11 -2.76
N ALA B 65 -9.16 6.44 -2.74
CA ALA B 65 -10.17 7.23 -2.05
C ALA B 65 -11.49 7.05 -2.74
N ALA B 66 -11.43 7.06 -4.07
CA ALA B 66 -12.62 6.93 -4.86
C ALA B 66 -13.33 5.63 -4.59
N THR B 67 -12.55 4.55 -4.46
CA THR B 67 -13.10 3.20 -4.42
C THR B 67 -13.96 2.97 -3.18
N GLY B 68 -13.53 3.53 -2.05
CA GLY B 68 -14.17 3.30 -0.79
C GLY B 68 -13.18 3.57 0.31
N ASP B 69 -12.10 2.80 0.30
CA ASP B 69 -11.05 2.96 1.30
C ASP B 69 -9.89 3.84 0.86
N GLY B 70 -9.82 5.02 1.45
CA GLY B 70 -8.72 5.94 1.27
C GLY B 70 -8.51 6.58 2.64
N PRO B 71 -7.30 7.05 2.93
CA PRO B 71 -7.07 7.54 4.28
C PRO B 71 -8.13 8.56 4.66
N ASP B 72 -8.39 8.69 5.96
CA ASP B 72 -9.33 9.69 6.47
C ASP B 72 -8.76 11.07 6.23
N ILE B 73 -7.44 11.19 6.37
CA ILE B 73 -6.70 12.46 6.27
C ILE B 73 -5.47 12.28 5.43
N ILE B 74 -5.21 13.24 4.55
CA ILE B 74 -4.04 13.16 3.66
C ILE B 74 -3.17 14.40 3.77
N PHE B 75 -1.86 14.19 3.79
CA PHE B 75 -0.89 15.28 3.91
C PHE B 75 -0.01 15.41 2.65
N TRP B 76 -0.21 16.51 1.94
CA TRP B 76 0.64 16.86 0.81
C TRP B 76 0.71 18.35 0.59
N ALA B 77 1.73 18.77 -0.13
CA ALA B 77 1.81 20.15 -0.58
C ALA B 77 0.52 20.56 -1.33
N HIS B 78 0.07 21.78 -1.11
CA HIS B 78 -1.26 22.14 -1.50
C HIS B 78 -1.49 21.91 -2.97
N ASP B 79 -0.44 22.05 -3.78
CA ASP B 79 -0.63 22.12 -5.21
C ASP B 79 -1.51 21.00 -5.73
N ARG B 80 -1.36 19.82 -5.11
CA ARG B 80 -2.17 18.65 -5.50
C ARG B 80 -3.67 18.76 -5.20
N PHE B 81 -4.03 19.66 -4.30
CA PHE B 81 -5.32 19.61 -3.63
C PHE B 81 -6.44 20.18 -4.45
N GLY B 82 -6.15 21.08 -5.36
CA GLY B 82 -7.19 21.54 -6.28
C GLY B 82 -7.68 20.37 -7.13
N GLY B 83 -6.74 19.57 -7.62
CA GLY B 83 -7.10 18.43 -8.45
C GLY B 83 -7.97 17.47 -7.68
N TYR B 84 -7.59 17.22 -6.43
CA TYR B 84 -8.35 16.37 -5.52
C TYR B 84 -9.75 16.94 -5.29
N ALA B 85 -9.79 18.23 -5.05
CA ALA B 85 -11.01 18.92 -4.71
C ALA B 85 -11.94 18.92 -5.88
N GLN B 86 -11.37 19.14 -7.07
CA GLN B 86 -12.13 19.09 -8.30
C GLN B 86 -12.77 17.73 -8.47
N SER B 87 -11.99 16.71 -8.18
CA SER B 87 -12.44 15.32 -8.29
C SER B 87 -13.46 14.95 -7.22
N GLY B 88 -13.60 15.79 -6.20
CA GLY B 88 -14.64 15.64 -5.20
C GLY B 88 -14.20 14.72 -4.09
N LEU B 89 -12.89 14.48 -4.05
CA LEU B 89 -12.28 13.60 -3.07
C LEU B 89 -12.08 14.30 -1.74
N LEU B 90 -12.12 15.62 -1.73
CA LEU B 90 -11.91 16.36 -0.48
C LEU B 90 -13.21 16.94 0.05
N ALA B 91 -13.37 16.81 1.36
CA ALA B 91 -14.47 17.43 2.08
C ALA B 91 -14.14 18.88 2.40
N GLU B 92 -15.16 19.72 2.45
CA GLU B 92 -15.00 21.13 2.82
C GLU B 92 -14.74 21.16 4.31
N ILE B 93 -14.02 22.18 4.79
CA ILE B 93 -13.75 22.31 6.22
C ILE B 93 -14.46 23.54 6.79
N THR B 94 -15.00 23.38 8.00
CA THR B 94 -15.91 24.36 8.59
C THR B 94 -15.29 25.17 9.73
N PRO B 95 -13.97 25.31 9.75
CA PRO B 95 -13.26 25.83 10.91
C PRO B 95 -13.68 27.23 11.36
N ASP B 96 -13.77 27.38 12.68
CA ASP B 96 -14.16 28.60 13.33
C ASP B 96 -13.34 29.82 12.92
N LYS B 97 -13.96 31.00 12.95
CA LYS B 97 -13.22 32.27 12.77
C LYS B 97 -12.00 32.34 13.69
N ALA B 98 -12.19 32.05 14.97
CA ALA B 98 -11.12 32.11 15.97
C ALA B 98 -9.99 31.18 15.65
N PHE B 99 -10.31 29.97 15.22
CA PHE B 99 -9.27 29.05 14.78
C PHE B 99 -8.47 29.62 13.62
N GLN B 100 -9.18 30.17 12.64
CA GLN B 100 -8.55 30.69 11.43
C GLN B 100 -7.53 31.74 11.78
N ASP B 101 -7.84 32.54 12.79
CA ASP B 101 -6.93 33.59 13.23
C ASP B 101 -5.58 33.05 13.66
N LYS B 102 -5.53 31.82 14.18
CA LYS B 102 -4.27 31.27 14.66
C LYS B 102 -3.26 31.01 13.54
N LEU B 103 -3.73 30.73 12.34
CA LEU B 103 -2.84 30.57 11.19
C LEU B 103 -2.88 31.75 10.21
N TYR B 104 -1.71 32.06 9.63
CA TYR B 104 -1.58 33.10 8.64
C TYR B 104 -2.64 32.97 7.54
N PRO B 105 -3.24 34.11 7.14
CA PRO B 105 -4.26 34.04 6.10
C PRO B 105 -3.76 33.64 4.72
N PHE B 106 -2.49 33.89 4.40
CA PHE B 106 -1.97 33.54 3.06
C PHE B 106 -1.88 32.04 2.89
N THR B 107 -1.55 31.35 3.98
CA THR B 107 -1.54 29.87 4.00
C THR B 107 -2.95 29.37 3.74
N TRP B 108 -3.94 29.99 4.38
CA TRP B 108 -5.33 29.68 4.12
C TRP B 108 -5.72 29.82 2.65
N ASP B 109 -5.21 30.88 2.01
CA ASP B 109 -5.52 31.11 0.60
C ASP B 109 -4.98 30.01 -0.27
N ALA B 110 -3.79 29.52 0.08
CA ALA B 110 -3.19 28.37 -0.63
C ALA B 110 -4.12 27.16 -0.70
N VAL B 111 -4.93 27.00 0.33
CA VAL B 111 -5.77 25.83 0.46
C VAL B 111 -7.23 26.19 0.21
N ARG B 112 -7.45 27.25 -0.54
CA ARG B 112 -8.80 27.69 -0.84
C ARG B 112 -9.07 27.34 -2.29
N TYR B 113 -10.15 26.65 -2.57
CA TYR B 113 -10.50 26.31 -3.94
C TYR B 113 -11.95 26.65 -4.24
N ASN B 114 -12.15 27.49 -5.25
CA ASN B 114 -13.48 27.98 -5.60
C ASN B 114 -14.21 28.50 -4.41
N GLY B 115 -13.47 29.29 -3.63
CA GLY B 115 -14.03 29.98 -2.48
C GLY B 115 -14.25 29.10 -1.28
N LYS B 116 -13.80 27.87 -1.36
CA LYS B 116 -13.96 26.95 -0.26
C LYS B 116 -12.62 26.49 0.22
N LEU B 117 -12.47 26.42 1.54
CA LEU B 117 -11.30 25.77 2.13
C LEU B 117 -11.38 24.23 1.98
N ILE B 118 -10.31 23.63 1.46
CA ILE B 118 -10.28 22.20 1.14
C ILE B 118 -9.29 21.39 1.98
N ALA B 119 -8.40 22.11 2.66
CA ALA B 119 -7.43 21.52 3.58
C ALA B 119 -6.99 22.48 4.68
N TYR B 120 -6.37 21.90 5.69
CA TYR B 120 -5.74 22.71 6.72
C TYR B 120 -4.29 22.97 6.29
N PRO B 121 -3.87 24.24 6.31
CA PRO B 121 -2.46 24.50 6.06
C PRO B 121 -1.70 24.14 7.31
N ILE B 122 -0.53 23.52 7.14
CA ILE B 122 0.32 23.12 8.28
C ILE B 122 1.63 23.91 8.33
N ALA B 123 2.33 23.93 7.19
CA ALA B 123 3.68 24.46 7.14
C ALA B 123 4.03 24.96 5.75
N VAL B 124 5.02 25.84 5.69
CA VAL B 124 5.50 26.44 4.47
C VAL B 124 6.93 25.94 4.22
N GLU B 125 7.12 25.33 3.06
CA GLU B 125 8.39 24.70 2.71
C GLU B 125 8.97 25.28 1.43
N ALA B 126 10.22 25.66 1.52
CA ALA B 126 10.94 26.18 0.38
C ALA B 126 12.33 25.56 0.29
N LEU B 127 12.70 25.19 -0.92
CA LEU B 127 14.05 24.78 -1.18
C LEU B 127 15.06 25.86 -0.72
N SER B 128 16.09 25.43 0.01
CA SER B 128 17.25 26.27 0.33
C SER B 128 18.57 25.71 -0.27
N LEU B 129 19.57 26.58 -0.45
CA LEU B 129 20.91 26.11 -0.85
C LEU B 129 21.60 25.64 0.42
N ILE B 130 22.10 24.42 0.40
CA ILE B 130 22.75 23.85 1.59
C ILE B 130 24.19 23.54 1.22
N TYR B 131 25.12 24.00 2.06
CA TYR B 131 26.54 23.84 1.77
C TYR B 131 27.33 23.34 2.98
N ASN B 132 28.38 22.59 2.66
CA ASN B 132 29.29 21.99 3.60
C ASN B 132 30.35 23.03 3.97
N LYS B 133 30.17 23.69 5.11
CA LYS B 133 31.01 24.82 5.49
C LYS B 133 32.50 24.48 5.51
N ASP B 134 32.84 23.32 6.02
CA ASP B 134 34.24 22.92 6.12
C ASP B 134 34.90 22.81 4.76
N LEU B 135 34.22 22.18 3.81
CA LEU B 135 34.73 22.09 2.44
C LEU B 135 34.69 23.44 1.73
N LEU B 136 33.61 24.20 1.90
CA LEU B 136 33.46 25.51 1.25
C LEU B 136 33.23 26.63 2.26
N PRO B 137 34.07 27.66 2.23
CA PRO B 137 33.90 28.75 3.18
C PRO B 137 32.71 29.65 2.86
N ASN B 138 32.56 29.99 1.58
CA ASN B 138 31.58 30.98 1.15
C ASN B 138 30.72 30.40 0.07
N PRO B 139 29.41 30.49 0.25
CA PRO B 139 28.53 29.95 -0.74
C PRO B 139 28.53 30.83 -1.99
N PRO B 140 28.51 30.21 -3.20
CA PRO B 140 28.31 30.94 -4.45
C PRO B 140 27.05 31.80 -4.50
N LYS B 141 27.24 33.06 -4.85
CA LYS B 141 26.13 33.99 -5.07
C LYS B 141 25.54 33.80 -6.46
N THR B 142 26.28 33.12 -7.36
CA THR B 142 25.84 32.91 -8.73
C THR B 142 26.02 31.46 -9.22
N TRP B 143 25.12 31.03 -10.11
CA TRP B 143 25.23 29.73 -10.76
C TRP B 143 26.49 29.62 -11.61
N GLU B 144 26.91 30.74 -12.19
CA GLU B 144 28.10 30.76 -13.07
C GLU B 144 29.42 30.48 -12.27
N GLU B 145 29.39 30.80 -10.98
CA GLU B 145 30.55 30.62 -10.13
C GLU B 145 30.84 29.15 -9.97
N ILE B 146 29.76 28.38 -9.78
CA ILE B 146 29.84 26.96 -9.47
C ILE B 146 30.53 26.09 -10.55
N PRO B 147 30.37 26.41 -11.85
CA PRO B 147 31.15 25.63 -12.82
C PRO B 147 32.65 25.77 -12.60
N ALA B 148 33.12 27.01 -12.38
CA ALA B 148 34.54 27.24 -12.07
C ALA B 148 34.99 26.46 -10.82
N LEU B 149 34.20 26.56 -9.74
CA LEU B 149 34.43 25.84 -8.46
C LEU B 149 34.50 24.32 -8.61
N ASP B 150 33.61 23.75 -9.39
CA ASP B 150 33.54 22.30 -9.46
C ASP B 150 34.78 21.66 -10.05
N LYS B 151 35.34 22.22 -11.10
CA LYS B 151 36.60 21.67 -11.60
C LYS B 151 37.72 21.92 -10.59
N GLU B 152 37.72 23.07 -9.93
CA GLU B 152 38.68 23.31 -8.85
C GLU B 152 38.65 22.19 -7.84
N LEU B 153 37.45 21.82 -7.43
CA LEU B 153 37.25 20.74 -6.45
C LEU B 153 37.48 19.31 -7.00
N LYS B 154 37.24 19.12 -8.30
CA LYS B 154 37.45 17.79 -8.93
C LYS B 154 38.89 17.40 -8.65
N ALA B 155 39.84 18.35 -8.79
CA ALA B 155 41.25 18.09 -8.49
C ALA B 155 41.52 17.80 -7.01
N LYS B 156 40.46 17.51 -6.25
CA LYS B 156 40.57 16.97 -4.88
C LYS B 156 39.62 15.79 -4.68
N GLY B 157 39.30 15.08 -5.76
CA GLY B 157 38.43 13.89 -5.71
C GLY B 157 36.99 14.13 -5.29
N LYS B 158 36.53 15.38 -5.35
CA LYS B 158 35.20 15.77 -4.87
C LYS B 158 34.43 16.60 -5.91
N SER B 159 33.13 16.83 -5.65
CA SER B 159 32.28 17.62 -6.55
C SER B 159 31.70 18.85 -5.85
N ALA B 160 31.16 19.75 -6.67
CA ALA B 160 30.62 21.01 -6.16
C ALA B 160 29.21 20.86 -5.65
N LEU B 161 28.34 20.21 -6.43
CA LEU B 161 26.90 20.28 -6.21
C LEU B 161 26.15 19.04 -6.65
N MET B 162 25.29 18.51 -5.78
CA MET B 162 24.45 17.37 -6.12
C MET B 162 23.07 17.49 -5.52
N PHE B 163 22.06 17.28 -6.35
CA PHE B 163 20.68 17.29 -5.90
C PHE B 163 19.82 16.51 -6.86
N ASN B 164 18.62 16.15 -6.42
CA ASN B 164 17.70 15.34 -7.21
C ASN B 164 17.34 16.03 -8.51
N LEU B 165 17.81 15.47 -9.63
CA LEU B 165 17.47 16.00 -10.95
C LEU B 165 16.21 15.37 -11.52
N GLN B 166 15.80 14.26 -10.91
CA GLN B 166 14.66 13.48 -11.36
C GLN B 166 13.33 14.20 -11.14
N GLU B 167 13.19 14.89 -10.01
CA GLU B 167 12.00 15.67 -9.68
C GLU B 167 12.13 17.13 -10.09
N PRO B 168 11.21 17.61 -10.93
CA PRO B 168 11.26 19.00 -11.38
C PRO B 168 11.10 20.04 -10.27
N TYR B 169 10.62 19.64 -9.10
CA TYR B 169 10.57 20.55 -7.94
C TYR B 169 11.95 21.18 -7.71
N PHE B 170 12.98 20.34 -7.83
CA PHE B 170 14.37 20.73 -7.59
C PHE B 170 15.06 21.50 -8.72
N THR B 171 14.64 21.27 -9.95
CA THR B 171 15.23 21.98 -11.08
C THR B 171 14.44 23.24 -11.49
N TRP B 172 13.17 23.33 -11.07
CA TRP B 172 12.35 24.49 -11.43
C TRP B 172 12.92 25.86 -11.04
N PRO B 173 13.55 25.97 -9.86
CA PRO B 173 14.00 27.31 -9.42
C PRO B 173 14.98 28.00 -10.36
N LEU B 174 15.86 27.21 -10.95
CA LEU B 174 16.80 27.72 -11.95
C LEU B 174 16.08 28.04 -13.26
N ILE B 175 15.14 27.19 -13.62
CA ILE B 175 14.42 27.34 -14.88
C ILE B 175 13.60 28.64 -14.87
N ALA B 176 13.02 28.94 -13.73
CA ALA B 176 12.17 30.14 -13.58
C ALA B 176 12.98 31.42 -13.44
N ALA B 177 14.27 31.28 -13.11
CA ALA B 177 15.15 32.41 -12.78
C ALA B 177 15.12 33.50 -13.84
N ASP B 178 15.49 33.15 -15.07
CA ASP B 178 15.53 34.13 -16.16
C ASP B 178 14.16 34.39 -16.78
N GLY B 179 13.11 33.74 -16.29
CA GLY B 179 11.76 34.08 -16.69
C GLY B 179 10.86 32.94 -17.10
N GLY B 180 11.23 31.70 -16.76
CA GLY B 180 10.32 30.57 -16.94
C GLY B 180 9.16 30.65 -15.96
N TYR B 181 7.97 30.24 -16.40
CA TYR B 181 6.79 30.16 -15.50
C TYR B 181 5.74 29.12 -15.92
N ALA B 182 5.01 28.60 -14.94
CA ALA B 182 3.95 27.63 -15.22
C ALA B 182 2.70 28.29 -15.81
N PHE B 183 1.90 28.99 -15.02
CA PHE B 183 0.62 29.54 -15.51
C PHE B 183 0.57 31.01 -15.26
N LYS B 184 0.25 31.83 -16.27
CA LYS B 184 0.18 33.28 -16.04
C LYS B 184 -0.98 33.67 -15.14
N TYR B 185 -0.67 34.38 -14.06
CA TYR B 185 -1.68 34.87 -13.17
C TYR B 185 -1.92 36.32 -13.54
N GLU B 186 -3.13 36.66 -13.97
CA GLU B 186 -3.49 38.05 -14.28
C GLU B 186 -4.98 38.28 -14.05
N ASN B 187 -5.30 39.48 -13.58
CA ASN B 187 -6.68 39.88 -13.19
C ASN B 187 -7.31 39.00 -12.11
N GLY B 188 -6.47 38.52 -11.19
CA GLY B 188 -6.93 37.71 -10.08
C GLY B 188 -7.02 36.22 -10.35
N LYS B 189 -6.69 35.80 -11.57
CA LYS B 189 -6.85 34.39 -11.96
C LYS B 189 -5.71 33.81 -12.78
N TYR B 190 -5.46 32.53 -12.56
CA TYR B 190 -4.49 31.77 -13.32
C TYR B 190 -5.09 31.46 -14.69
N ASP B 191 -4.33 31.75 -15.73
CA ASP B 191 -4.72 31.49 -17.10
C ASP B 191 -4.09 30.15 -17.42
N ILE B 192 -4.91 29.10 -17.56
CA ILE B 192 -4.34 27.76 -17.81
C ILE B 192 -3.76 27.61 -19.20
N LYS B 193 -4.01 28.59 -20.06
CA LYS B 193 -3.58 28.54 -21.45
C LYS B 193 -2.31 29.33 -21.68
N ASP B 194 -2.05 30.30 -20.81
CA ASP B 194 -0.84 31.10 -20.87
C ASP B 194 0.26 30.48 -19.96
N VAL B 195 1.02 29.59 -20.57
CA VAL B 195 2.00 28.78 -19.88
C VAL B 195 3.38 29.13 -20.37
N GLY B 196 4.32 29.32 -19.47
CA GLY B 196 5.66 29.80 -19.86
C GLY B 196 6.78 28.80 -19.62
N VAL B 197 6.57 27.55 -20.00
CA VAL B 197 7.62 26.55 -19.88
C VAL B 197 8.56 26.63 -21.07
N ASP B 198 8.11 27.30 -22.12
CA ASP B 198 8.74 27.25 -23.42
C ASP B 198 9.27 28.61 -23.82
N ASN B 199 9.37 29.53 -22.86
CA ASN B 199 9.84 30.87 -23.19
C ASN B 199 11.37 30.98 -23.12
N ALA B 200 11.89 32.15 -23.48
CA ALA B 200 13.33 32.37 -23.48
C ALA B 200 13.94 32.09 -22.11
N GLY B 201 13.33 32.67 -21.08
CA GLY B 201 13.82 32.54 -19.70
C GLY B 201 13.99 31.08 -19.29
N ALA B 202 12.94 30.30 -19.51
CA ALA B 202 12.94 28.86 -19.20
C ALA B 202 14.00 28.09 -20.00
N LYS B 203 14.12 28.40 -21.29
CA LYS B 203 15.12 27.74 -22.15
C LYS B 203 16.54 28.04 -21.68
N ALA B 204 16.77 29.28 -21.27
CA ALA B 204 18.06 29.71 -20.75
C ALA B 204 18.46 28.96 -19.49
N GLY B 205 17.52 28.86 -18.55
CA GLY B 205 17.73 28.14 -17.30
C GLY B 205 18.08 26.68 -17.50
N LEU B 206 17.26 25.99 -18.31
CA LEU B 206 17.45 24.57 -18.57
C LEU B 206 18.73 24.32 -19.36
N THR B 207 19.00 25.22 -20.30
CA THR B 207 20.22 25.16 -21.10
C THR B 207 21.47 25.13 -20.22
N PHE B 208 21.48 25.99 -19.20
CA PHE B 208 22.62 26.03 -18.27
C PHE B 208 22.80 24.68 -17.61
N LEU B 209 21.70 24.09 -17.17
CA LEU B 209 21.77 22.83 -16.47
C LEU B 209 22.28 21.70 -17.36
N VAL B 210 21.79 21.63 -18.59
CA VAL B 210 22.25 20.59 -19.53
C VAL B 210 23.76 20.73 -19.82
N ASP B 211 24.25 21.96 -19.86
CA ASP B 211 25.67 22.22 -20.03
C ASP B 211 26.47 21.66 -18.86
N LEU B 212 25.95 21.81 -17.64
CA LEU B 212 26.61 21.29 -16.43
C LEU B 212 26.77 19.78 -16.48
N ILE B 213 25.77 19.12 -17.04
CA ILE B 213 25.74 17.67 -17.12
C ILE B 213 26.73 17.18 -18.18
N LYS B 214 26.70 17.83 -19.34
CA LYS B 214 27.54 17.44 -20.46
C LYS B 214 29.00 17.82 -20.24
N ASN B 215 29.25 18.86 -19.44
CA ASN B 215 30.60 19.15 -18.92
C ASN B 215 31.04 18.22 -17.78
N LYS B 216 30.24 17.19 -17.48
CA LYS B 216 30.52 16.18 -16.45
C LYS B 216 30.58 16.76 -15.04
N HIS B 217 30.20 18.03 -14.91
CA HIS B 217 30.18 18.69 -13.61
C HIS B 217 29.29 17.99 -12.60
N MET B 218 28.05 17.73 -12.98
CA MET B 218 27.21 16.78 -12.25
C MET B 218 26.51 15.83 -13.24
N ASN B 219 25.94 14.75 -12.73
CA ASN B 219 25.49 13.67 -13.55
C ASN B 219 23.96 13.57 -13.69
N ALA B 220 23.48 13.30 -14.92
CA ALA B 220 22.04 13.23 -15.21
C ALA B 220 21.25 12.24 -14.33
N ASP B 221 21.90 11.20 -13.79
CA ASP B 221 21.20 10.22 -12.94
C ASP B 221 21.01 10.63 -11.50
N THR B 222 21.80 11.56 -10.98
CA THR B 222 21.69 11.98 -9.59
C THR B 222 20.20 12.08 -9.18
N ASP B 223 19.85 11.34 -8.13
CA ASP B 223 18.49 11.36 -7.57
C ASP B 223 18.54 11.85 -6.12
N TYR B 224 17.42 11.75 -5.41
CA TYR B 224 17.37 12.22 -4.04
C TYR B 224 18.39 11.52 -3.14
N SER B 225 18.44 10.19 -3.25
CA SER B 225 19.29 9.40 -2.38
C SER B 225 20.76 9.67 -2.64
N ILE B 226 21.12 9.74 -3.91
CA ILE B 226 22.51 10.00 -4.31
C ILE B 226 23.03 11.31 -3.76
N ALA B 227 22.27 12.37 -3.98
CA ALA B 227 22.65 13.72 -3.56
C ALA B 227 22.83 13.75 -2.05
N GLU B 228 21.83 13.20 -1.37
CA GLU B 228 21.80 13.21 0.08
C GLU B 228 22.93 12.42 0.70
N ALA B 229 23.18 11.23 0.16
CA ALA B 229 24.29 10.37 0.63
C ALA B 229 25.64 11.07 0.42
N ALA B 230 25.86 11.54 -0.79
CA ALA B 230 27.06 12.30 -1.13
C ALA B 230 27.30 13.49 -0.20
N PHE B 231 26.27 14.28 0.06
CA PHE B 231 26.42 15.48 0.90
C PHE B 231 26.64 15.13 2.37
N ASN B 232 25.87 14.18 2.87
CA ASN B 232 26.00 13.75 4.26
C ASN B 232 27.39 13.16 4.47
N LYS B 233 27.89 12.44 3.47
CA LYS B 233 29.20 11.82 3.57
C LYS B 233 30.31 12.83 3.26
N GLY B 234 29.94 14.09 3.02
CA GLY B 234 30.89 15.19 2.79
C GLY B 234 31.71 15.07 1.53
N GLU B 235 31.14 14.43 0.52
CA GLU B 235 31.82 14.21 -0.76
C GLU B 235 31.44 15.30 -1.77
N THR B 236 30.43 16.09 -1.45
CA THR B 236 30.04 17.20 -2.30
C THR B 236 29.86 18.45 -1.43
N ALA B 237 30.21 19.58 -2.00
CA ALA B 237 30.26 20.83 -1.26
C ALA B 237 28.87 21.40 -1.04
N MET B 238 27.93 21.13 -1.95
CA MET B 238 26.59 21.73 -1.87
C MET B 238 25.47 20.77 -2.28
N THR B 239 24.27 21.04 -1.77
CA THR B 239 23.04 20.37 -2.22
C THR B 239 21.89 21.36 -2.15
N ILE B 240 20.76 20.99 -2.76
CA ILE B 240 19.56 21.82 -2.74
C ILE B 240 18.39 20.99 -2.22
N ASN B 241 17.78 21.46 -1.14
CA ASN B 241 16.73 20.71 -0.45
C ASN B 241 15.93 21.57 0.52
N GLY B 242 14.78 21.05 0.94
CA GLY B 242 13.95 21.67 1.93
C GLY B 242 14.25 21.31 3.38
N PRO B 243 13.46 21.88 4.30
CA PRO B 243 13.67 21.72 5.73
C PRO B 243 13.75 20.28 6.22
N TRP B 244 12.89 19.40 5.73
CA TRP B 244 12.86 17.98 6.15
C TRP B 244 14.23 17.32 6.14
N ALA B 245 15.13 17.81 5.30
CA ALA B 245 16.45 17.21 5.14
C ALA B 245 17.47 17.55 6.24
N TRP B 246 17.20 18.58 7.03
CA TRP B 246 18.17 19.03 8.03
C TRP B 246 18.48 17.94 9.05
N SER B 247 17.49 17.09 9.36
CA SER B 247 17.65 15.96 10.30
C SER B 247 18.80 15.01 9.97
N ASN B 248 18.83 14.53 8.74
CA ASN B 248 19.87 13.62 8.29
C ASN B 248 21.27 14.26 8.30
N ILE B 249 21.33 15.54 8.02
CA ILE B 249 22.60 16.25 8.06
C ILE B 249 23.05 16.40 9.50
N ASP B 250 22.11 16.57 10.42
CA ASP B 250 22.44 16.58 11.84
C ASP B 250 23.02 15.23 12.27
N THR B 251 22.40 14.15 11.79
CA THR B 251 22.91 12.79 11.99
C THR B 251 24.35 12.65 11.51
N SER B 252 24.68 13.29 10.40
CA SER B 252 26.00 13.12 9.80
C SER B 252 27.07 13.98 10.45
N LYS B 253 26.64 14.90 11.32
CA LYS B 253 27.56 15.78 12.08
C LYS B 253 28.31 16.76 11.17
N VAL B 254 27.80 17.00 9.97
CA VAL B 254 28.45 17.90 9.01
C VAL B 254 28.28 19.36 9.43
N ASN B 255 29.34 20.15 9.26
CA ASN B 255 29.22 21.60 9.39
C ASN B 255 28.53 22.13 8.18
N TYR B 256 27.26 22.50 8.34
CA TYR B 256 26.49 23.00 7.22
C TYR B 256 25.77 24.31 7.51
N GLY B 257 25.63 25.09 6.46
CA GLY B 257 24.81 26.28 6.48
C GLY B 257 23.66 26.06 5.53
N VAL B 258 22.64 26.87 5.72
CA VAL B 258 21.51 26.94 4.82
C VAL B 258 21.45 28.39 4.35
N THR B 259 21.59 28.61 3.04
CA THR B 259 21.70 29.96 2.49
C THR B 259 20.81 30.18 1.28
N VAL B 260 20.90 31.37 0.68
CA VAL B 260 20.07 31.71 -0.47
C VAL B 260 20.58 31.02 -1.73
N LEU B 261 19.65 30.61 -2.57
CA LEU B 261 19.97 29.99 -3.85
C LEU B 261 20.72 30.97 -4.75
N PRO B 262 21.71 30.47 -5.53
CA PRO B 262 22.50 31.33 -6.40
C PRO B 262 21.67 32.02 -7.48
N THR B 263 22.21 33.08 -8.05
CA THR B 263 21.51 33.78 -9.10
C THR B 263 21.83 33.14 -10.43
N PHE B 264 20.91 33.30 -11.37
CA PHE B 264 21.17 32.95 -12.76
C PHE B 264 20.85 34.14 -13.61
N LYS B 265 21.79 34.48 -14.48
CA LYS B 265 21.73 35.69 -15.29
C LYS B 265 21.38 36.87 -14.40
N GLY B 266 22.09 36.95 -13.27
CA GLY B 266 22.00 38.07 -12.34
C GLY B 266 20.70 38.15 -11.59
N GLN B 267 19.90 37.08 -11.65
CA GLN B 267 18.57 37.11 -11.11
C GLN B 267 18.34 36.02 -10.09
N PRO B 268 17.35 36.22 -9.20
CA PRO B 268 17.10 35.24 -8.17
C PRO B 268 16.53 33.96 -8.74
N SER B 269 17.05 32.82 -8.28
CA SER B 269 16.39 31.54 -8.43
C SER B 269 15.03 31.61 -7.73
N LYS B 270 13.99 31.26 -8.49
CA LYS B 270 12.63 31.37 -8.03
C LYS B 270 12.11 29.96 -7.83
N PRO B 271 12.05 29.52 -6.58
CA PRO B 271 11.63 28.18 -6.24
C PRO B 271 10.17 28.15 -5.82
N PHE B 272 9.40 27.22 -6.35
CA PHE B 272 7.99 27.12 -5.99
C PHE B 272 7.89 26.85 -4.51
N VAL B 273 6.93 27.51 -3.86
CA VAL B 273 6.78 27.39 -2.41
C VAL B 273 5.56 26.58 -2.10
N GLY B 274 5.73 25.59 -1.22
CA GLY B 274 4.65 24.67 -0.90
C GLY B 274 4.17 24.74 0.53
N VAL B 275 2.86 24.83 0.68
CA VAL B 275 2.20 24.70 1.96
C VAL B 275 1.75 23.24 2.15
N LEU B 276 2.46 22.56 3.04
CA LEU B 276 2.08 21.23 3.47
C LEU B 276 0.71 21.32 4.10
N SER B 277 -0.24 20.55 3.59
CA SER B 277 -1.61 20.68 4.03
C SER B 277 -2.26 19.34 4.35
N ALA B 278 -3.25 19.37 5.24
CA ALA B 278 -4.00 18.19 5.64
C ALA B 278 -5.43 18.26 5.07
N GLY B 279 -5.74 17.35 4.15
CA GLY B 279 -7.07 17.29 3.58
C GLY B 279 -7.85 16.11 4.14
N ILE B 280 -9.17 16.26 4.20
CA ILE B 280 -10.01 15.19 4.72
C ILE B 280 -10.78 14.51 3.61
N ASP B 281 -10.58 13.21 3.50
CA ASP B 281 -11.20 12.40 2.45
C ASP B 281 -12.71 12.63 2.53
N ALA B 282 -13.28 12.97 1.39
CA ALA B 282 -14.71 13.21 1.27
C ALA B 282 -15.48 11.97 1.67
N ALA B 283 -14.91 10.79 1.45
CA ALA B 283 -15.59 9.54 1.76
C ALA B 283 -15.39 9.10 3.22
N SER B 284 -14.64 9.86 4.00
CA SER B 284 -14.34 9.45 5.38
C SER B 284 -15.59 9.44 6.21
N PRO B 285 -15.83 8.36 6.96
CA PRO B 285 -16.89 8.36 7.94
C PRO B 285 -16.56 9.19 9.17
N ASN B 286 -15.29 9.56 9.30
CA ASN B 286 -14.74 10.10 10.54
C ASN B 286 -14.32 11.56 10.39
N LYS B 287 -15.04 12.29 9.55
CA LYS B 287 -14.68 13.67 9.28
C LYS B 287 -14.69 14.46 10.58
N GLU B 288 -15.58 14.07 11.48
CA GLU B 288 -15.84 14.79 12.70
C GLU B 288 -14.61 14.66 13.63
N LEU B 289 -14.18 13.42 13.84
CA LEU B 289 -12.90 13.14 14.50
C LEU B 289 -11.69 13.82 13.85
N ALA B 290 -11.68 13.87 12.53
CA ALA B 290 -10.55 14.40 11.79
C ALA B 290 -10.33 15.87 12.11
N LYS B 291 -11.42 16.64 12.01
CA LYS B 291 -11.42 18.05 12.43
C LYS B 291 -10.77 18.25 13.81
N GLU B 292 -11.25 17.54 14.82
CA GLU B 292 -10.73 17.71 16.17
C GLU B 292 -9.26 17.31 16.35
N PHE B 293 -8.84 16.30 15.60
CA PHE B 293 -7.45 15.88 15.60
C PHE B 293 -6.63 17.01 15.04
N LEU B 294 -6.97 17.40 13.82
CA LEU B 294 -6.22 18.46 13.16
C LEU B 294 -6.28 19.78 13.93
N GLU B 295 -7.47 20.21 14.30
CA GLU B 295 -7.65 21.54 14.87
C GLU B 295 -7.20 21.61 16.28
N ASN B 296 -7.59 20.62 17.07
CA ASN B 296 -7.33 20.72 18.48
C ASN B 296 -6.07 20.01 18.93
N TYR B 297 -5.51 19.12 18.11
CA TYR B 297 -4.31 18.38 18.54
C TYR B 297 -3.05 18.67 17.71
N LEU B 298 -3.13 18.54 16.41
CA LEU B 298 -1.94 18.71 15.62
C LEU B 298 -1.55 20.17 15.57
N LEU B 299 -2.52 21.03 15.20
CA LEU B 299 -2.29 22.46 14.94
C LEU B 299 -2.26 23.22 16.23
N THR B 300 -1.25 22.90 17.02
CA THR B 300 -1.00 23.49 18.33
C THR B 300 0.49 23.50 18.53
N ASP B 301 0.95 24.25 19.53
CA ASP B 301 2.37 24.36 19.77
C ASP B 301 2.94 22.95 20.01
N GLU B 302 2.25 22.20 20.88
CA GLU B 302 2.65 20.83 21.29
C GLU B 302 2.81 19.97 20.09
N GLY B 303 1.81 20.02 19.21
CA GLY B 303 1.66 19.09 18.10
C GLY B 303 2.74 19.24 17.06
N LEU B 304 2.88 20.46 16.58
CA LEU B 304 3.87 20.78 15.57
C LEU B 304 5.29 20.51 16.09
N GLU B 305 5.54 20.85 17.35
CA GLU B 305 6.83 20.56 17.94
C GLU B 305 7.14 19.07 17.79
N ALA B 306 6.17 18.23 18.13
CA ALA B 306 6.31 16.79 18.03
C ALA B 306 6.82 16.38 16.66
N VAL B 307 6.11 16.84 15.63
CA VAL B 307 6.45 16.53 14.26
C VAL B 307 7.75 17.19 13.84
N ASN B 308 7.94 18.46 14.19
CA ASN B 308 9.11 19.25 13.78
C ASN B 308 10.40 18.69 14.37
N LYS B 309 10.31 18.15 15.57
CA LYS B 309 11.43 17.47 16.22
C LYS B 309 11.80 16.21 15.49
N ASP B 310 10.84 15.58 14.83
CA ASP B 310 11.10 14.39 14.01
C ASP B 310 11.81 14.83 12.74
N LYS B 311 11.12 15.61 11.90
CA LYS B 311 11.72 16.17 10.70
C LYS B 311 11.23 17.60 10.56
N PRO B 312 12.12 18.55 10.22
CA PRO B 312 11.69 19.95 10.21
C PRO B 312 10.61 20.25 9.19
N LEU B 313 9.58 20.97 9.67
CA LEU B 313 8.39 21.32 8.88
C LEU B 313 8.60 22.51 7.96
N GLY B 314 9.65 23.28 8.23
CA GLY B 314 9.86 24.56 7.60
C GLY B 314 9.32 25.60 8.54
N ALA B 315 8.67 26.61 7.98
CA ALA B 315 8.01 27.62 8.76
C ALA B 315 6.55 27.21 8.89
N VAL B 316 6.09 26.96 10.11
CA VAL B 316 4.71 26.52 10.32
C VAL B 316 3.66 27.62 10.07
N ALA B 317 2.43 27.18 9.80
CA ALA B 317 1.32 28.12 9.60
C ALA B 317 0.82 28.69 10.92
N LEU B 318 1.03 27.93 11.99
CA LEU B 318 0.58 28.30 13.31
C LEU B 318 1.46 29.41 13.87
N LYS B 319 0.90 30.62 13.96
CA LYS B 319 1.67 31.78 14.42
C LYS B 319 2.32 31.49 15.77
N SER B 320 1.54 30.93 16.68
CA SER B 320 1.97 30.61 18.03
C SER B 320 3.35 29.98 17.98
N TYR B 321 3.47 28.83 17.34
CA TYR B 321 4.70 28.07 17.32
C TYR B 321 5.74 28.61 16.34
N GLU B 322 5.30 29.14 15.20
CA GLU B 322 6.21 29.70 14.18
C GLU B 322 7.09 30.81 14.77
N GLU B 323 6.52 31.58 15.67
CA GLU B 323 7.25 32.65 16.32
C GLU B 323 8.50 32.10 17.00
N GLU B 324 8.37 30.97 17.69
CA GLU B 324 9.52 30.32 18.30
C GLU B 324 10.48 29.75 17.23
N LEU B 325 9.95 29.33 16.10
CA LEU B 325 10.75 28.74 15.02
C LEU B 325 11.59 29.77 14.25
N ALA B 326 10.99 30.94 14.01
CA ALA B 326 11.67 31.98 13.27
C ALA B 326 13.07 32.26 13.82
N LYS B 327 13.30 31.94 15.09
CA LYS B 327 14.61 32.12 15.74
C LYS B 327 15.72 31.35 15.04
N ASP B 328 15.39 30.17 14.54
CA ASP B 328 16.33 29.36 13.77
C ASP B 328 16.79 30.05 12.48
N PRO B 329 18.10 30.34 12.35
CA PRO B 329 18.63 30.97 11.14
C PRO B 329 18.38 30.20 9.86
N ARG B 330 18.27 28.88 9.95
CA ARG B 330 17.97 28.07 8.78
C ARG B 330 16.61 28.37 8.21
N ILE B 331 15.64 28.60 9.10
CA ILE B 331 14.27 28.94 8.69
C ILE B 331 14.24 30.30 8.01
N ALA B 332 15.05 31.23 8.51
CA ALA B 332 15.18 32.53 7.86
C ALA B 332 15.66 32.35 6.43
N ALA B 333 16.65 31.48 6.23
CA ALA B 333 17.17 31.22 4.89
C ALA B 333 16.09 30.60 3.98
N THR B 334 15.31 29.68 4.55
CA THR B 334 14.16 29.08 3.86
C THR B 334 13.24 30.20 3.38
N MET B 335 12.88 31.08 4.30
CA MET B 335 11.99 32.20 4.00
C MET B 335 12.55 33.14 2.95
N GLU B 336 13.84 33.43 2.99
CA GLU B 336 14.43 34.30 1.98
C GLU B 336 14.25 33.72 0.60
N ASN B 337 14.51 32.43 0.45
CA ASN B 337 14.30 31.77 -0.85
C ASN B 337 12.84 31.74 -1.27
N ALA B 338 11.94 31.57 -0.30
CA ALA B 338 10.51 31.60 -0.57
C ALA B 338 10.11 32.98 -1.07
N GLN B 339 10.64 34.04 -0.44
CA GLN B 339 10.30 35.43 -0.80
C GLN B 339 10.75 35.73 -2.19
N LYS B 340 11.76 35.03 -2.65
CA LYS B 340 12.27 35.19 -3.99
C LYS B 340 11.48 34.37 -5.00
N GLY B 341 10.76 33.39 -4.51
CA GLY B 341 10.02 32.51 -5.39
C GLY B 341 8.55 32.85 -5.46
N GLU B 342 7.75 31.79 -5.63
CA GLU B 342 6.33 31.87 -5.76
C GLU B 342 5.68 30.64 -5.16
N ILE B 343 4.71 30.88 -4.30
CA ILE B 343 3.87 29.83 -3.75
C ILE B 343 3.11 29.19 -4.91
N MET B 344 3.03 27.86 -4.92
CA MET B 344 2.48 27.15 -6.07
C MET B 344 1.01 27.49 -6.28
N PRO B 345 0.54 27.35 -7.52
CA PRO B 345 -0.89 27.38 -7.73
C PRO B 345 -1.42 26.05 -7.23
N ASN B 346 -2.69 25.98 -6.84
CA ASN B 346 -3.31 24.70 -6.46
C ASN B 346 -4.22 24.10 -7.51
N ILE B 347 -4.28 24.70 -8.68
CA ILE B 347 -5.26 24.28 -9.69
C ILE B 347 -4.96 22.87 -10.21
N PRO B 348 -5.97 22.20 -10.79
CA PRO B 348 -5.86 20.83 -11.29
C PRO B 348 -4.75 20.61 -12.33
N GLN B 349 -4.44 21.63 -13.10
CA GLN B 349 -3.46 21.49 -14.15
C GLN B 349 -2.05 21.36 -13.62
N MET B 350 -1.86 21.57 -12.33
CA MET B 350 -0.53 21.50 -11.76
C MET B 350 0.13 20.16 -11.98
N SER B 351 -0.65 19.09 -11.96
CA SER B 351 -0.07 17.75 -12.17
C SER B 351 0.35 17.52 -13.63
N ALA B 352 -0.37 18.11 -14.59
CA ALA B 352 0.06 18.10 -15.99
C ALA B 352 1.38 18.87 -16.12
N PHE B 353 1.39 20.08 -15.61
CA PHE B 353 2.58 20.90 -15.58
C PHE B 353 3.77 20.08 -15.09
N TRP B 354 3.61 19.50 -13.90
CA TRP B 354 4.71 18.79 -13.25
C TRP B 354 5.17 17.62 -14.05
N TYR B 355 4.21 16.85 -14.55
CA TYR B 355 4.52 15.64 -15.29
C TYR B 355 5.27 15.98 -16.58
N ALA B 356 4.83 17.04 -17.23
CA ALA B 356 5.43 17.51 -18.48
C ALA B 356 6.86 18.01 -18.28
N VAL B 357 7.05 18.77 -17.20
CA VAL B 357 8.36 19.30 -16.87
C VAL B 357 9.27 18.18 -16.39
N ARG B 358 8.71 17.25 -15.63
CA ARG B 358 9.48 16.07 -15.20
C ARG B 358 10.12 15.44 -16.39
N THR B 359 9.34 15.29 -17.45
CA THR B 359 9.77 14.58 -18.63
C THR B 359 10.76 15.39 -19.43
N ALA B 360 10.50 16.70 -19.55
CA ALA B 360 11.38 17.57 -20.33
C ALA B 360 12.79 17.61 -19.74
N VAL B 361 12.85 17.69 -18.41
CA VAL B 361 14.10 17.78 -17.68
C VAL B 361 14.95 16.55 -17.93
N ILE B 362 14.39 15.36 -17.79
CA ILE B 362 15.19 14.14 -17.98
C ILE B 362 15.59 13.88 -19.42
N ASN B 363 14.70 14.22 -20.34
CA ASN B 363 14.99 14.07 -21.76
C ASN B 363 16.16 14.95 -22.18
N ALA B 364 16.14 16.21 -21.76
CA ALA B 364 17.23 17.14 -22.06
C ALA B 364 18.56 16.77 -21.38
N ALA B 365 18.48 16.34 -20.13
CA ALA B 365 19.66 15.98 -19.33
C ALA B 365 20.28 14.65 -19.76
N SER B 366 19.45 13.73 -20.21
CA SER B 366 19.92 12.47 -20.74
C SER B 366 20.27 12.56 -22.22
N GLY B 367 20.14 13.76 -22.82
CA GLY B 367 20.49 13.97 -24.21
C GLY B 367 19.46 13.48 -25.23
N ARG B 368 18.44 12.73 -24.80
CA ARG B 368 17.43 12.22 -25.74
C ARG B 368 16.56 13.30 -26.41
N GLN B 369 16.75 14.57 -26.04
CA GLN B 369 16.09 15.70 -26.72
C GLN B 369 16.85 16.99 -26.54
N THR B 370 16.66 17.93 -27.47
CA THR B 370 17.19 19.27 -27.29
C THR B 370 16.28 20.01 -26.29
N VAL B 371 16.86 20.96 -25.55
CA VAL B 371 16.11 21.77 -24.60
C VAL B 371 14.92 22.42 -25.31
N ASP B 372 15.16 23.00 -26.48
CA ASP B 372 14.11 23.70 -27.23
C ASP B 372 12.95 22.75 -27.63
N GLU B 373 13.29 21.51 -28.03
CA GLU B 373 12.28 20.47 -28.23
C GLU B 373 11.51 20.16 -26.95
N ALA B 374 12.25 19.78 -25.90
CA ALA B 374 11.67 19.31 -24.64
C ALA B 374 10.57 20.22 -24.17
N LEU B 375 10.82 21.52 -24.25
CA LEU B 375 9.87 22.52 -23.78
C LEU B 375 8.69 22.74 -24.75
N LYS B 376 8.95 22.65 -26.06
CA LYS B 376 7.83 22.70 -27.01
C LYS B 376 6.94 21.47 -26.83
N ASP B 377 7.56 20.32 -26.58
CA ASP B 377 6.84 19.10 -26.20
C ASP B 377 6.06 19.31 -24.95
N ALA B 378 6.73 19.79 -23.92
CA ALA B 378 6.15 19.97 -22.61
C ALA B 378 5.02 20.99 -22.64
N GLN B 379 5.21 22.06 -23.41
CA GLN B 379 4.22 23.13 -23.45
C GLN B 379 2.94 22.78 -24.19
N THR B 380 3.06 22.14 -25.35
CA THR B 380 1.86 21.72 -26.09
C THR B 380 1.13 20.68 -25.24
N ARG B 381 1.91 19.81 -24.58
CA ARG B 381 1.34 18.81 -23.68
C ARG B 381 0.50 19.49 -22.61
N ILE B 382 1.04 20.47 -21.93
CA ILE B 382 0.28 21.22 -20.93
C ILE B 382 -0.86 22.04 -21.56
N THR B 383 -0.57 22.74 -22.65
CA THR B 383 -1.46 23.75 -23.21
C THR B 383 -2.65 23.22 -24.03
N ARG B 384 -2.43 22.17 -24.79
CA ARG B 384 -3.44 21.70 -25.72
C ARG B 384 -3.70 20.22 -25.58
N ARG B 385 -2.66 19.42 -25.74
CA ARG B 385 -2.76 17.97 -25.67
C ARG B 385 -2.76 17.43 -24.23
N VAL B 386 -3.91 17.46 -23.58
CA VAL B 386 -3.97 17.11 -22.17
C VAL B 386 -4.49 15.67 -22.01
N PHE B 387 -3.85 14.96 -21.07
CA PHE B 387 -4.20 13.59 -20.71
C PHE B 387 -5.38 13.54 -19.70
N ARG B 388 -5.56 14.63 -18.94
CA ARG B 388 -6.75 14.86 -18.04
C ARG B 388 -7.39 13.56 -17.52
N LEU B 396 -11.99 -1.96 -28.29
CA LEU B 396 -13.11 -1.04 -28.51
C LEU B 396 -14.29 -1.70 -29.24
N ASP B 397 -15.41 -1.01 -29.21
CA ASP B 397 -16.60 -1.38 -29.96
C ASP B 397 -17.15 -0.13 -30.64
N MET B 398 -16.25 0.83 -30.86
CA MET B 398 -16.60 2.09 -31.46
C MET B 398 -15.88 2.28 -32.76
N PHE B 399 -16.52 3.04 -33.63
CA PHE B 399 -16.03 3.29 -34.98
C PHE B 399 -14.53 3.49 -34.99
N ARG B 400 -13.85 2.82 -35.91
CA ARG B 400 -12.40 2.86 -35.91
C ARG B 400 -11.90 4.25 -36.23
N GLU B 401 -12.49 4.92 -37.22
CA GLU B 401 -12.08 6.30 -37.52
C GLU B 401 -12.23 7.15 -36.28
N LEU B 402 -13.36 6.98 -35.58
CA LEU B 402 -13.65 7.76 -34.39
C LEU B 402 -12.57 7.57 -33.33
N THR B 403 -12.24 6.33 -33.00
CA THR B 403 -11.20 6.10 -32.00
C THR B 403 -9.88 6.71 -32.49
N ASP B 404 -9.61 6.64 -33.80
CA ASP B 404 -8.39 7.26 -34.38
C ASP B 404 -8.38 8.75 -34.11
N ALA B 405 -9.52 9.41 -34.32
CA ALA B 405 -9.57 10.85 -34.20
C ALA B 405 -9.32 11.29 -32.76
N ARG B 406 -9.84 10.49 -31.82
CA ARG B 406 -9.73 10.77 -30.40
C ARG B 406 -8.29 10.75 -29.94
N ARG B 407 -7.44 10.04 -30.65
CA ARG B 407 -6.05 10.06 -30.27
C ARG B 407 -5.45 11.47 -30.37
N TYR B 408 -5.99 12.31 -31.26
CA TYR B 408 -5.61 13.74 -31.35
C TYR B 408 -6.59 14.59 -30.60
N TRP B 409 -6.66 14.47 -29.30
CA TRP B 409 -7.75 15.07 -28.55
C TRP B 409 -7.19 16.27 -27.83
N VAL B 410 -7.87 17.38 -27.98
CA VAL B 410 -7.42 18.65 -27.44
C VAL B 410 -8.34 19.17 -26.37
N ASP B 411 -7.75 19.79 -25.35
CA ASP B 411 -8.51 20.51 -24.34
C ASP B 411 -8.95 21.89 -24.90
N VAL B 412 -10.24 22.20 -24.73
CA VAL B 412 -10.78 23.44 -25.27
C VAL B 412 -11.53 24.24 -24.21
N THR B 413 -11.24 25.54 -24.19
CA THR B 413 -11.96 26.48 -23.34
C THR B 413 -12.49 27.58 -24.24
N LEU B 414 -13.67 28.07 -23.92
CA LEU B 414 -14.28 29.12 -24.72
C LEU B 414 -13.67 30.45 -24.36
N ALA B 415 -13.55 31.32 -25.35
CA ALA B 415 -13.05 32.67 -25.14
C ALA B 415 -14.22 33.61 -25.04
N THR B 416 -14.23 34.50 -24.05
CA THR B 416 -15.28 35.50 -23.96
C THR B 416 -14.82 36.81 -24.57
N ASN B 417 -15.48 37.23 -25.64
CA ASN B 417 -15.12 38.46 -26.32
C ASN B 417 -16.29 39.12 -27.05
N ASN B 418 -16.20 40.44 -27.22
CA ASN B 418 -17.16 41.19 -28.02
C ASN B 418 -18.60 41.01 -27.53
N ILE B 419 -19.52 40.73 -28.45
CA ILE B 419 -20.90 40.44 -28.08
C ILE B 419 -21.21 39.00 -28.39
N SER B 420 -21.59 38.26 -27.38
CA SER B 420 -22.03 36.89 -27.56
C SER B 420 -23.50 36.70 -27.23
N HIS B 421 -24.02 37.32 -26.16
CA HIS B 421 -25.42 37.12 -25.67
C HIS B 421 -25.70 35.76 -25.05
N ALA B 422 -24.71 34.88 -25.09
CA ALA B 422 -24.81 33.56 -24.53
C ALA B 422 -23.95 33.57 -23.30
N VAL B 423 -24.41 32.89 -22.26
CA VAL B 423 -23.72 32.81 -20.97
C VAL B 423 -22.64 31.71 -21.01
N ILE B 424 -21.50 31.95 -20.36
CA ILE B 424 -20.44 30.94 -20.28
C ILE B 424 -20.09 30.74 -18.80
N ALA B 425 -20.05 29.49 -18.36
CA ALA B 425 -19.63 29.19 -16.98
C ALA B 425 -18.20 29.67 -16.73
N GLU B 426 -17.94 30.20 -15.55
CA GLU B 426 -16.62 30.76 -15.29
C GLU B 426 -15.47 29.75 -15.54
N ASP B 427 -15.80 28.45 -15.49
CA ASP B 427 -14.83 27.39 -15.88
C ASP B 427 -14.41 27.51 -17.35
N LYS B 428 -15.20 28.28 -18.12
CA LYS B 428 -14.95 28.58 -19.53
C LYS B 428 -15.16 27.35 -20.41
N ARG B 429 -15.85 26.35 -19.89
CA ARG B 429 -15.98 25.06 -20.56
C ARG B 429 -17.39 24.68 -21.00
N GLN B 430 -18.35 25.57 -20.79
CA GLN B 430 -19.71 25.35 -21.31
C GLN B 430 -20.46 26.65 -21.49
N VAL B 431 -21.47 26.59 -22.35
CA VAL B 431 -22.21 27.78 -22.73
C VAL B 431 -23.67 27.41 -22.90
N SER B 432 -24.55 28.34 -22.53
CA SER B 432 -25.99 28.20 -22.70
C SER B 432 -26.58 29.56 -23.06
N SER B 433 -27.84 29.60 -23.46
CA SER B 433 -28.41 30.88 -23.81
C SER B 433 -29.03 31.61 -22.61
N ARG B 434 -29.48 32.83 -22.85
CA ARG B 434 -30.23 33.61 -21.87
C ARG B 434 -31.73 33.40 -22.15
N ASN B 435 -32.58 34.16 -21.43
CA ASN B 435 -34.02 34.29 -21.71
C ASN B 435 -34.83 33.67 -20.57
N TYR B 457 -30.59 39.25 -31.34
CA TYR B 457 -29.57 38.65 -30.50
C TYR B 457 -28.87 37.54 -31.27
N CYS B 458 -27.54 37.58 -31.29
CA CYS B 458 -26.73 36.45 -31.76
C CYS B 458 -26.08 35.89 -30.51
N THR B 459 -26.11 34.58 -30.36
CA THR B 459 -25.41 33.92 -29.28
C THR B 459 -24.48 32.94 -29.96
N GLY B 460 -23.18 33.23 -29.94
CA GLY B 460 -22.22 32.39 -30.65
C GLY B 460 -20.86 32.63 -30.04
N VAL B 461 -20.09 31.56 -29.85
CA VAL B 461 -18.80 31.67 -29.14
C VAL B 461 -17.74 30.75 -29.75
N LEU B 462 -16.49 31.17 -29.61
CA LEU B 462 -15.35 30.49 -30.21
C LEU B 462 -14.42 29.93 -29.15
N GLY B 463 -13.60 28.96 -29.54
CA GLY B 463 -12.62 28.38 -28.66
C GLY B 463 -11.47 29.34 -28.45
N SER B 464 -11.06 29.51 -27.21
CA SER B 464 -10.01 30.48 -26.87
C SER B 464 -8.79 30.29 -27.76
N GLN B 465 -8.27 29.08 -27.81
CA GLN B 465 -7.11 28.77 -28.64
C GLN B 465 -7.47 28.62 -30.12
N SER B 466 -6.51 28.95 -31.00
CA SER B 466 -6.67 28.89 -32.46
C SER B 466 -5.94 27.72 -33.12
N ILE B 467 -6.27 27.47 -34.39
CA ILE B 467 -5.71 26.35 -35.16
C ILE B 467 -5.12 26.81 -36.47
N THR B 468 -3.88 26.43 -36.67
CA THR B 468 -3.16 26.74 -37.88
C THR B 468 -2.52 25.50 -38.47
N SER B 469 -2.19 24.51 -37.64
CA SER B 469 -1.60 23.28 -38.10
C SER B 469 -2.15 22.11 -37.33
N GLY B 470 -1.91 20.91 -37.86
CA GLY B 470 -2.14 19.66 -37.15
C GLY B 470 -3.57 19.21 -37.05
N LYS B 471 -3.76 18.21 -36.21
CA LYS B 471 -5.04 17.55 -36.02
C LYS B 471 -5.55 17.81 -34.63
N HIS B 472 -6.78 18.28 -34.56
CA HIS B 472 -7.43 18.59 -33.31
C HIS B 472 -8.78 17.90 -33.23
N TYR B 473 -9.03 17.28 -32.07
CA TYR B 473 -10.28 16.59 -31.79
C TYR B 473 -10.83 17.06 -30.44
N TRP B 474 -12.14 17.27 -30.39
CA TRP B 474 -12.77 17.54 -29.11
C TRP B 474 -14.19 17.09 -29.21
N GLU B 475 -14.85 16.96 -28.06
CA GLU B 475 -16.23 16.48 -27.98
C GLU B 475 -17.05 17.54 -27.34
N VAL B 476 -18.33 17.57 -27.65
CA VAL B 476 -19.25 18.55 -27.09
C VAL B 476 -20.51 17.84 -26.64
N ASP B 477 -20.90 18.08 -25.40
CA ASP B 477 -22.13 17.51 -24.87
C ASP B 477 -23.33 18.42 -25.18
N VAL B 478 -24.22 17.92 -26.02
CA VAL B 478 -25.43 18.66 -26.37
C VAL B 478 -26.66 18.10 -25.65
N SER B 479 -26.46 17.09 -24.80
CA SER B 479 -27.59 16.31 -24.34
C SER B 479 -28.69 17.23 -23.81
N LYS B 480 -29.92 16.87 -24.09
CA LYS B 480 -31.07 17.53 -23.48
C LYS B 480 -31.36 18.91 -24.09
N LYS B 481 -30.75 19.20 -25.24
CA LYS B 481 -30.91 20.48 -25.90
C LYS B 481 -31.84 20.38 -27.10
N SER B 482 -32.74 21.37 -27.20
CA SER B 482 -33.64 21.56 -28.35
C SER B 482 -32.90 21.88 -29.67
N ALA B 483 -31.82 22.62 -29.55
CA ALA B 483 -31.18 23.20 -30.71
C ALA B 483 -29.76 23.56 -30.40
N TRP B 484 -28.92 23.66 -31.44
CA TRP B 484 -27.52 24.15 -31.32
C TRP B 484 -26.81 24.24 -32.65
N ILE B 485 -25.62 24.82 -32.66
CA ILE B 485 -24.74 24.74 -33.80
C ILE B 485 -23.35 24.40 -33.34
N LEU B 486 -22.66 23.57 -34.12
CA LEU B 486 -21.32 23.12 -33.80
C LEU B 486 -20.44 23.14 -34.97
N GLY B 487 -19.16 23.03 -34.68
CA GLY B 487 -18.17 22.81 -35.69
C GLY B 487 -17.02 23.70 -35.54
N VAL B 488 -16.57 23.97 -36.74
CA VAL B 488 -15.37 24.75 -36.73
C VAL B 488 -15.57 26.11 -37.34
N CYS B 489 -15.34 27.16 -36.55
CA CYS B 489 -15.55 28.51 -37.04
C CYS B 489 -14.20 29.20 -37.12
N ALA B 490 -13.95 29.84 -38.25
CA ALA B 490 -12.67 30.48 -38.51
C ALA B 490 -12.60 31.91 -37.98
N GLY B 491 -13.69 32.36 -37.38
CA GLY B 491 -13.77 33.68 -36.80
C GLY B 491 -15.16 34.27 -37.01
N PHE B 492 -15.48 35.26 -36.21
CA PHE B 492 -16.68 36.08 -36.42
C PHE B 492 -16.51 36.82 -37.73
N GLN B 493 -15.28 37.27 -37.99
CA GLN B 493 -14.96 38.02 -39.19
C GLN B 493 -15.81 39.27 -39.28
N SER B 494 -16.04 39.92 -38.14
CA SER B 494 -16.85 41.12 -38.10
C SER B 494 -16.23 42.21 -38.94
N ASP B 495 -17.05 42.85 -39.77
CA ASP B 495 -16.61 43.90 -40.66
C ASP B 495 -16.08 43.27 -41.94
N ALA B 496 -15.96 41.94 -41.92
CA ALA B 496 -15.62 41.16 -43.11
C ALA B 496 -16.76 41.15 -44.10
N MET B 497 -17.87 40.62 -43.57
CA MET B 497 -19.26 40.86 -43.92
C MET B 497 -20.13 41.04 -42.66
N TYR B 498 -21.07 41.99 -42.69
CA TYR B 498 -21.88 42.34 -41.51
C TYR B 498 -22.74 41.18 -40.96
N ASN B 499 -23.50 40.55 -41.83
CA ASN B 499 -24.70 39.75 -41.46
C ASN B 499 -24.73 38.46 -40.62
N ILE B 500 -23.76 37.57 -40.80
CA ILE B 500 -23.94 36.12 -40.51
C ILE B 500 -24.31 35.85 -39.05
N GLU B 501 -23.89 36.76 -38.22
CA GLU B 501 -23.87 36.54 -36.80
C GLU B 501 -25.28 36.21 -36.30
N GLN B 502 -26.22 37.04 -36.72
CA GLN B 502 -27.60 36.98 -36.30
C GLN B 502 -28.52 36.24 -37.24
N ASN B 503 -28.43 36.49 -38.54
CA ASN B 503 -29.32 35.79 -39.47
C ASN B 503 -28.86 34.41 -39.83
N GLU B 504 -27.80 33.94 -39.18
CA GLU B 504 -27.59 32.53 -39.07
C GLU B 504 -27.35 31.93 -40.44
N ASN B 505 -26.64 32.63 -41.32
CA ASN B 505 -26.21 31.96 -42.54
C ASN B 505 -24.76 31.53 -42.45
N TYR B 506 -24.51 30.26 -42.35
CA TYR B 506 -23.18 29.83 -42.16
C TYR B 506 -22.85 29.05 -43.39
N GLN B 507 -21.83 29.50 -44.09
CA GLN B 507 -21.46 28.88 -45.34
C GLN B 507 -19.96 28.75 -45.32
N PRO B 508 -19.42 27.57 -45.66
CA PRO B 508 -17.97 27.43 -45.74
C PRO B 508 -17.26 28.59 -46.45
N LYS B 509 -17.82 29.04 -47.58
CA LYS B 509 -17.34 30.22 -48.30
C LYS B 509 -17.08 31.44 -47.39
N TYR B 510 -17.95 31.63 -46.39
CA TYR B 510 -17.80 32.69 -45.39
C TYR B 510 -17.10 32.13 -44.15
N GLY B 511 -16.43 31.01 -44.31
CA GLY B 511 -15.60 30.45 -43.25
C GLY B 511 -16.28 29.74 -42.08
N TYR B 512 -17.54 29.34 -42.22
CA TYR B 512 -18.24 28.53 -41.19
C TYR B 512 -18.49 27.09 -41.69
N TRP B 513 -17.77 26.14 -41.10
CA TRP B 513 -18.08 24.72 -41.29
C TRP B 513 -18.72 24.17 -40.03
N VAL B 514 -20.04 24.00 -40.11
CA VAL B 514 -20.82 23.73 -38.93
C VAL B 514 -21.97 22.81 -39.27
N ILE B 515 -22.55 22.18 -38.25
CA ILE B 515 -23.81 21.42 -38.39
C ILE B 515 -24.71 21.87 -37.24
N GLY B 516 -26.01 21.62 -37.34
CA GLY B 516 -26.94 22.19 -36.37
C GLY B 516 -28.10 21.32 -35.95
N LEU B 517 -28.65 21.64 -34.78
CA LEU B 517 -29.88 21.04 -34.33
C LEU B 517 -30.95 22.13 -34.27
N GLN B 518 -32.14 21.78 -34.70
CA GLN B 518 -33.25 22.67 -34.65
C GLN B 518 -34.48 21.92 -34.20
N GLU B 519 -35.18 22.48 -33.23
CA GLU B 519 -36.52 22.02 -32.92
C GLU B 519 -36.50 20.59 -32.40
N GLY B 520 -35.44 20.22 -31.70
CA GLY B 520 -35.36 18.94 -31.01
C GLY B 520 -34.84 17.78 -31.83
N VAL B 521 -35.35 17.62 -33.04
CA VAL B 521 -35.01 16.43 -33.82
C VAL B 521 -34.65 16.67 -35.27
N LYS B 522 -34.45 17.92 -35.67
CA LYS B 522 -34.06 18.20 -37.05
C LYS B 522 -32.61 18.66 -37.13
N TYR B 523 -31.84 17.86 -37.84
CA TYR B 523 -30.41 18.02 -37.92
C TYR B 523 -30.08 18.47 -39.32
N SER B 524 -29.10 19.37 -39.42
CA SER B 524 -28.74 19.98 -40.69
C SER B 524 -27.24 20.26 -40.77
N VAL B 525 -26.69 20.09 -41.95
CA VAL B 525 -25.36 20.60 -42.28
C VAL B 525 -25.60 21.96 -42.92
N PHE B 526 -24.67 22.88 -42.72
CA PHE B 526 -24.78 24.24 -43.25
C PHE B 526 -23.76 24.37 -44.35
N GLN B 527 -24.12 23.81 -45.48
CA GLN B 527 -23.30 23.85 -46.68
C GLN B 527 -23.55 25.15 -47.40
N ASP B 528 -22.59 25.67 -48.13
CA ASP B 528 -22.75 26.99 -48.77
C ASP B 528 -23.64 27.04 -50.03
N GLY B 529 -24.32 28.17 -50.20
CA GLY B 529 -25.38 28.34 -51.19
C GLY B 529 -24.91 28.96 -52.49
N SER B 530 -25.82 29.13 -53.43
CA SER B 530 -25.52 29.69 -54.77
C SER B 530 -25.21 31.20 -54.84
N SER B 531 -24.79 31.67 -56.00
CA SER B 531 -24.29 33.05 -56.09
C SER B 531 -25.26 34.15 -55.63
N HIS B 532 -26.46 34.15 -56.20
CA HIS B 532 -27.51 35.10 -55.90
C HIS B 532 -28.09 35.17 -54.51
N THR B 533 -28.30 34.02 -53.91
CA THR B 533 -29.03 33.86 -52.65
C THR B 533 -28.09 33.56 -51.45
N PRO B 534 -26.96 34.23 -51.52
CA PRO B 534 -25.83 33.99 -50.64
C PRO B 534 -26.28 34.38 -49.26
N PHE B 535 -27.08 35.43 -49.11
CA PHE B 535 -27.59 35.75 -47.77
C PHE B 535 -28.05 34.51 -47.01
N ALA B 536 -28.72 33.58 -47.68
CA ALA B 536 -29.13 32.31 -47.06
C ALA B 536 -28.19 31.14 -47.41
N PRO B 537 -27.81 30.34 -46.39
CA PRO B 537 -26.92 29.19 -46.57
C PRO B 537 -27.69 28.05 -47.20
N PHE B 538 -27.02 27.13 -47.89
CA PHE B 538 -27.72 25.90 -48.32
C PHE B 538 -27.80 24.84 -47.22
N ILE B 539 -29.02 24.52 -46.81
CA ILE B 539 -29.23 23.67 -45.65
C ILE B 539 -29.52 22.24 -46.09
N VAL B 540 -28.68 21.29 -45.68
CA VAL B 540 -28.93 19.92 -46.05
C VAL B 540 -29.35 19.08 -44.86
N PRO B 541 -30.60 18.58 -44.89
CA PRO B 541 -31.03 17.48 -44.07
C PRO B 541 -29.92 16.48 -43.84
N LEU B 542 -29.63 16.25 -42.58
CA LEU B 542 -28.62 15.31 -42.17
C LEU B 542 -29.44 14.16 -41.63
N SER B 543 -29.16 12.94 -42.05
CA SER B 543 -29.90 11.83 -41.46
C SER B 543 -29.13 11.23 -40.31
N VAL B 544 -29.57 11.52 -39.09
CA VAL B 544 -29.03 10.86 -37.90
C VAL B 544 -30.03 9.87 -37.33
N ILE B 545 -29.56 8.64 -37.16
CA ILE B 545 -30.37 7.55 -36.69
C ILE B 545 -30.68 7.76 -35.22
N ILE B 546 -29.71 8.25 -34.47
CA ILE B 546 -29.88 8.51 -33.02
C ILE B 546 -29.50 9.94 -32.65
N CYS B 547 -30.37 10.60 -31.91
CA CYS B 547 -30.05 11.89 -31.41
C CYS B 547 -28.77 11.73 -30.58
N PRO B 548 -27.70 12.42 -30.97
CA PRO B 548 -26.44 12.35 -30.27
C PRO B 548 -26.46 13.16 -28.98
N ASP B 549 -26.18 12.55 -27.84
CA ASP B 549 -26.01 13.30 -26.61
C ASP B 549 -24.70 14.05 -26.65
N ARG B 550 -23.73 13.48 -27.38
CA ARG B 550 -22.40 14.04 -27.48
C ARG B 550 -21.89 13.93 -28.90
N VAL B 551 -21.24 14.99 -29.37
CA VAL B 551 -20.68 15.05 -30.74
C VAL B 551 -19.17 15.34 -30.74
N GLY B 552 -18.44 14.67 -31.63
CA GLY B 552 -17.01 14.79 -31.76
C GLY B 552 -16.64 15.54 -33.02
N VAL B 553 -15.83 16.60 -32.86
CA VAL B 553 -15.42 17.45 -33.97
C VAL B 553 -13.93 17.23 -34.22
N PHE B 554 -13.57 16.89 -35.46
CA PHE B 554 -12.19 16.59 -35.80
C PHE B 554 -11.70 17.44 -36.95
N VAL B 555 -10.63 18.18 -36.70
CA VAL B 555 -10.03 19.06 -37.70
C VAL B 555 -8.69 18.52 -38.07
N ASP B 556 -8.49 18.20 -39.32
CA ASP B 556 -7.15 17.99 -39.82
C ASP B 556 -6.90 19.17 -40.72
N TYR B 557 -6.05 20.05 -40.24
CA TYR B 557 -5.84 21.33 -40.88
C TYR B 557 -5.15 21.17 -42.22
N GLU B 558 -4.18 20.30 -42.26
CA GLU B 558 -3.46 20.03 -43.49
C GLU B 558 -4.43 19.47 -44.54
N ALA B 559 -5.22 18.50 -44.11
CA ALA B 559 -6.25 17.89 -44.96
C ALA B 559 -7.29 18.86 -45.48
N CYS B 560 -7.62 19.88 -44.69
CA CYS B 560 -8.79 20.71 -44.96
C CYS B 560 -10.08 19.90 -44.78
N THR B 561 -10.01 18.93 -43.88
CA THR B 561 -11.16 18.13 -43.52
C THR B 561 -11.63 18.52 -42.12
N VAL B 562 -12.95 18.56 -41.97
CA VAL B 562 -13.60 18.77 -40.69
C VAL B 562 -14.68 17.71 -40.57
N SER B 563 -14.57 16.85 -39.56
CA SER B 563 -15.46 15.69 -39.48
C SER B 563 -16.30 15.68 -38.19
N PHE B 564 -17.50 15.12 -38.28
CA PHE B 564 -18.43 15.11 -37.15
C PHE B 564 -18.84 13.68 -36.81
N PHE B 565 -18.76 13.32 -35.53
CA PHE B 565 -19.01 11.96 -35.12
C PHE B 565 -20.12 11.83 -34.08
N ASN B 566 -20.91 10.78 -34.22
CA ASN B 566 -22.02 10.57 -33.33
C ASN B 566 -21.53 9.69 -32.21
N ILE B 567 -21.09 10.32 -31.12
CA ILE B 567 -20.52 9.56 -30.00
C ILE B 567 -21.57 8.62 -29.42
N THR B 568 -22.81 9.11 -29.26
CA THR B 568 -23.90 8.30 -28.73
C THR B 568 -24.12 7.02 -29.53
N ASN B 569 -23.98 7.15 -30.84
CA ASN B 569 -24.16 6.04 -31.75
C ASN B 569 -22.80 5.55 -32.28
N HIS B 570 -22.04 4.91 -31.42
CA HIS B 570 -20.80 4.21 -31.80
C HIS B 570 -19.77 5.02 -32.55
N GLY B 571 -19.85 6.34 -32.41
CA GLY B 571 -18.89 7.20 -33.09
C GLY B 571 -18.97 7.20 -34.62
N PHE B 572 -20.09 6.75 -35.18
CA PHE B 572 -20.26 6.73 -36.65
C PHE B 572 -20.16 8.16 -37.15
N LEU B 573 -19.68 8.29 -38.39
CA LEU B 573 -19.52 9.60 -39.00
C LEU B 573 -20.89 10.20 -39.30
N ILE B 574 -21.07 11.47 -38.98
CA ILE B 574 -22.34 12.18 -39.26
C ILE B 574 -22.18 13.03 -40.50
N TYR B 575 -21.03 13.68 -40.60
CA TYR B 575 -20.71 14.49 -41.76
C TYR B 575 -19.23 14.87 -41.82
N LYS B 576 -18.72 15.07 -43.03
CA LYS B 576 -17.36 15.54 -43.22
C LYS B 576 -17.26 16.54 -44.38
N PHE B 577 -16.86 17.75 -44.01
CA PHE B 577 -16.51 18.78 -44.99
C PHE B 577 -15.10 18.51 -45.46
N SER B 578 -14.93 18.39 -46.76
CA SER B 578 -13.64 18.07 -47.32
C SER B 578 -13.23 19.13 -48.34
N GLN B 579 -11.92 19.22 -48.58
CA GLN B 579 -11.36 20.21 -49.47
C GLN B 579 -11.85 21.61 -49.12
N CYS B 580 -11.83 21.94 -47.84
CA CYS B 580 -12.27 23.26 -47.39
C CYS B 580 -11.11 24.25 -47.17
N SER B 581 -11.22 25.46 -47.73
CA SER B 581 -10.13 26.45 -47.73
C SER B 581 -9.73 26.91 -46.35
N PHE B 582 -8.54 26.53 -45.91
CA PHE B 582 -8.03 26.98 -44.63
C PHE B 582 -7.04 28.03 -45.00
N SER B 583 -7.55 29.24 -45.15
CA SER B 583 -6.70 30.38 -45.44
C SER B 583 -6.19 31.03 -44.15
N LYS B 584 -6.95 30.85 -43.09
CA LYS B 584 -6.76 31.57 -41.85
C LYS B 584 -6.71 30.64 -40.61
N PRO B 585 -6.21 31.17 -39.47
CA PRO B 585 -6.34 30.32 -38.34
C PRO B 585 -7.82 30.12 -38.11
N VAL B 586 -8.16 28.99 -37.54
CA VAL B 586 -9.52 28.52 -37.45
C VAL B 586 -9.76 28.11 -35.99
N PHE B 587 -10.95 28.35 -35.45
CA PHE B 587 -11.25 28.05 -34.05
C PHE B 587 -12.47 27.19 -33.95
N PRO B 588 -12.61 26.45 -32.85
CA PRO B 588 -13.88 25.75 -32.65
C PRO B 588 -15.07 26.73 -32.52
N TYR B 589 -16.21 26.40 -33.14
CA TYR B 589 -17.43 27.20 -32.99
C TYR B 589 -18.48 26.49 -32.13
N LEU B 590 -19.11 27.25 -31.24
CA LEU B 590 -20.20 26.76 -30.40
C LEU B 590 -21.33 27.77 -30.31
N ASN B 591 -22.53 27.37 -30.71
CA ASN B 591 -23.71 28.20 -30.57
C ASN B 591 -24.86 27.45 -29.88
N PRO B 592 -25.31 27.95 -28.72
CA PRO B 592 -26.45 27.38 -27.98
C PRO B 592 -27.75 27.41 -28.73
N ARG B 593 -27.89 28.37 -29.65
CA ARG B 593 -29.09 28.54 -30.50
C ARG B 593 -30.31 28.95 -29.69
N LYS B 594 -30.07 29.79 -28.71
CA LYS B 594 -31.07 30.12 -27.70
C LYS B 594 -31.73 28.88 -27.10
N CYS B 595 -30.96 27.83 -26.80
CA CYS B 595 -31.58 26.68 -26.19
C CYS B 595 -31.85 27.02 -24.76
N THR B 596 -30.88 27.64 -24.10
CA THR B 596 -30.97 27.84 -22.65
C THR B 596 -30.41 26.68 -21.81
N VAL B 597 -30.06 25.57 -22.47
CA VAL B 597 -29.57 24.36 -21.79
C VAL B 597 -28.11 24.47 -22.12
N PRO B 598 -27.23 23.97 -21.27
CA PRO B 598 -25.79 24.06 -21.59
C PRO B 598 -25.18 23.09 -22.63
N MET B 599 -24.31 23.62 -23.48
CA MET B 599 -23.42 22.82 -24.33
C MET B 599 -22.11 22.75 -23.63
N THR B 600 -21.78 21.58 -23.14
CA THR B 600 -20.55 21.44 -22.40
C THR B 600 -19.54 20.79 -23.30
N LEU B 601 -18.33 21.30 -23.17
CA LEU B 601 -17.20 20.81 -23.93
C LEU B 601 -16.79 19.50 -23.34
N CYS B 602 -16.60 18.53 -24.22
CA CYS B 602 -16.11 17.19 -23.87
C CYS B 602 -17.05 16.45 -22.96
C1 GLC C . -0.01 -8.72 22.69
C2 GLC C . 0.99 -9.91 22.76
C3 GLC C . 1.03 -10.74 21.49
C4 GLC C . -0.38 -11.14 21.07
C5 GLC C . -1.25 -9.88 21.01
C6 GLC C . -2.70 -10.19 20.67
O1 GLC C . 0.40 -7.60 21.88
O2 GLC C . 2.34 -9.52 23.05
O3 GLC C . 1.83 -11.92 21.76
O4 GLC C . -0.33 -11.79 19.79
O5 GLC C . -1.28 -9.18 22.25
O6 GLC C . -3.47 -8.97 20.64
C1 GLC C . -0.31 -13.22 19.77
C2 GLC C . 0.73 -13.72 18.78
C3 GLC C . 0.45 -13.22 17.37
C4 GLC C . -0.94 -13.64 16.93
C5 GLC C . -1.91 -13.26 18.02
C6 GLC C . -3.30 -13.75 17.74
O2 GLC C . 2.02 -13.28 19.20
O3 GLC C . 1.42 -13.71 16.43
O4 GLC C . -1.23 -12.93 15.74
O5 GLC C . -1.56 -13.75 19.31
O6 GLC C . -4.15 -12.93 18.53
C1 GLC D . 8.87 17.28 -1.23
C2 GLC D . 7.86 18.46 -1.25
C3 GLC D . 6.83 18.40 -2.37
C4 GLC D . 7.53 18.06 -3.67
C5 GLC D . 8.43 16.81 -3.56
C6 GLC D . 9.16 16.65 -4.88
O1 GLC D . 8.31 16.11 -0.64
O2 GLC D . 7.04 18.57 -0.06
O3 GLC D . 6.21 19.69 -2.41
O4 GLC D . 6.55 17.81 -4.68
O5 GLC D . 9.39 16.91 -2.52
O6 GLC D . 10.48 16.19 -4.61
C1 GLC D . 6.26 18.93 -5.51
C2 GLC D . 4.75 19.04 -5.65
C3 GLC D . 4.20 17.76 -6.27
C4 GLC D . 4.86 17.57 -7.60
C5 GLC D . 6.36 17.52 -7.41
C6 GLC D . 7.09 17.48 -8.73
O2 GLC D . 4.19 19.26 -4.38
O3 GLC D . 2.80 17.87 -6.45
O4 GLC D . 4.37 16.40 -8.25
O5 GLC D . 6.83 18.71 -6.79
O6 GLC D . 8.47 17.38 -8.39
O1 MES E . 2.82 -31.18 -21.23
C2 MES E . 1.85 -32.12 -20.78
C3 MES E . 1.38 -32.95 -21.96
N4 MES E . 0.77 -32.09 -22.95
C5 MES E . 1.72 -31.07 -23.35
C6 MES E . 2.20 -30.30 -22.15
C7 MES E . 0.39 -32.90 -24.13
C8 MES E . -1.08 -32.66 -24.53
S MES E . -1.51 -33.55 -25.89
O1S MES E . -2.91 -33.29 -26.32
O2S MES E . -1.34 -35.00 -25.64
O3S MES E . -0.67 -33.24 -27.07
O1 MES F . -25.23 9.67 -36.22
C2 MES F . -25.07 8.26 -36.22
C3 MES F . -24.68 7.81 -37.61
N4 MES F . -25.74 8.16 -38.54
C5 MES F . -25.97 9.60 -38.50
C6 MES F . -26.31 10.00 -37.07
C7 MES F . -25.36 7.76 -39.92
C8 MES F . -26.50 8.00 -40.91
S MES F . -26.23 7.39 -42.43
O1S MES F . -27.46 7.50 -43.31
O2S MES F . -25.87 5.94 -42.40
O3S MES F . -25.09 8.17 -42.98
#